data_5L6M
#
_entry.id   5L6M
#
_cell.length_a   94.400
_cell.length_b   63.600
_cell.length_c   184.700
_cell.angle_alpha   90.00
_cell.angle_beta   94.10
_cell.angle_gamma   90.00
#
_symmetry.space_group_name_H-M   'C 1 2 1'
#
loop_
_entity.id
_entity.type
_entity.pdbx_description
1 polymer 'VapB family protein'
2 polymer 'Ribonuclease VapC'
3 non-polymer 'MALONATE ION'
4 non-polymer GLYCEROL
5 water water
#
loop_
_entity_poly.entity_id
_entity_poly.type
_entity_poly.pdbx_seq_one_letter_code
_entity_poly.pdbx_strand_id
1 'polypeptide(L)' MHHHHHHARATGKTFRSGNSEAVRLPRDLAFGADVELTLIRSGDVLTIYPSKGSIADLVATLNQMPRPDSVEIRDEDL A,D,E,H,I,L
2 'polypeptide(L)'
;MAYVLDTNVAIHLRDGDPEVTTRVTALNGAILLSIISRVELEGGVYREAAQAGLRRSRLDVMLKVLPVLDFDGAAADEYR
RIVESAGYSRRKVVDRMIAAQALAHRATFVTFNADDFRDIPGLSLLAW
;
B,C,F,G,J,K
#
loop_
_chem_comp.id
_chem_comp.type
_chem_comp.name
_chem_comp.formula
GOL non-polymer GLYCEROL 'C3 H8 O3'
MLI non-polymer 'MALONATE ION' 'C3 H2 O4 -2'
#
# COMPACT_ATOMS: atom_id res chain seq x y z
N ALA A 8 7.54 3.94 17.90
CA ALA A 8 6.12 3.71 18.15
C ALA A 8 5.25 4.20 16.99
N ARG A 9 4.09 3.59 16.84
CA ARG A 9 3.16 3.88 15.75
C ARG A 9 1.87 4.42 16.35
N ALA A 10 1.13 5.15 15.54
CA ALA A 10 -0.17 5.65 16.00
C ALA A 10 -0.99 6.01 14.77
N THR A 11 -2.28 6.18 15.01
CA THR A 11 -3.18 6.73 14.01
C THR A 11 -3.88 7.94 14.62
N GLY A 12 -4.15 8.92 13.77
CA GLY A 12 -4.91 10.08 14.19
C GLY A 12 -5.49 10.75 12.97
N LYS A 13 -6.22 11.83 13.22
CA LYS A 13 -6.87 12.57 12.17
C LYS A 13 -6.37 14.00 12.15
N THR A 14 -6.33 14.58 10.95
CA THR A 14 -6.14 16.00 10.80
C THR A 14 -7.12 16.79 11.65
N PHE A 15 -6.65 17.90 12.22
CA PHE A 15 -7.53 18.90 12.80
C PHE A 15 -7.03 20.26 12.35
N ARG A 16 -7.72 21.30 12.83
CA ARG A 16 -7.42 22.67 12.45
C ARG A 16 -6.94 23.46 13.65
N SER A 17 -5.88 24.24 13.45
CA SER A 17 -5.43 25.25 14.41
C SER A 17 -5.26 26.58 13.67
N GLY A 18 -6.20 27.50 13.86
CA GLY A 18 -6.14 28.74 13.10
C GLY A 18 -6.27 28.49 11.61
N ASN A 19 -5.39 29.13 10.84
CA ASN A 19 -5.42 29.02 9.39
C ASN A 19 -4.58 27.84 8.89
N SER A 20 -4.32 26.84 9.72
CA SER A 20 -3.47 25.74 9.32
C SER A 20 -4.06 24.40 9.76
N GLU A 21 -3.81 23.38 8.94
CA GLU A 21 -4.01 22.00 9.37
C GLU A 21 -2.99 21.67 10.44
N ALA A 22 -3.30 20.67 11.25
CA ALA A 22 -2.35 20.18 12.24
C ALA A 22 -2.63 18.72 12.53
N VAL A 23 -1.64 18.04 13.10
CA VAL A 23 -1.81 16.65 13.51
C VAL A 23 -1.22 16.47 14.91
N ARG A 24 -1.95 15.78 15.78
CA ARG A 24 -1.48 15.56 17.14
C ARG A 24 -0.36 14.52 17.14
N LEU A 25 0.67 14.74 17.96
CA LEU A 25 1.76 13.76 18.10
C LEU A 25 1.72 13.12 19.48
N PRO A 26 1.31 11.87 19.63
CA PRO A 26 1.26 11.27 20.97
C PRO A 26 2.64 11.23 21.61
N ARG A 27 2.65 11.24 22.94
CA ARG A 27 3.88 11.31 23.74
C ARG A 27 5.05 10.53 23.17
N ASP A 28 4.79 9.29 22.77
CA ASP A 28 5.88 8.44 22.30
C ASP A 28 6.42 8.86 20.94
N LEU A 29 5.66 9.62 20.18
CA LEU A 29 6.09 10.07 18.87
C LEU A 29 6.57 11.52 18.86
N ALA A 30 6.37 12.25 19.96
CA ALA A 30 6.57 13.69 20.00
C ALA A 30 8.06 14.02 19.96
N PHE A 31 8.36 15.27 19.54
CA PHE A 31 9.72 15.78 19.47
C PHE A 31 10.07 16.74 20.60
N GLY A 32 9.10 17.26 21.32
CA GLY A 32 9.38 18.22 22.37
C GLY A 32 9.19 19.64 21.89
N ALA A 33 9.44 20.57 22.81
CA ALA A 33 8.96 21.94 22.63
C ALA A 33 9.93 22.83 21.87
N ASP A 34 11.23 22.69 22.05
CA ASP A 34 12.16 23.68 21.52
C ASP A 34 12.95 23.17 20.32
N VAL A 35 12.47 22.11 19.68
CA VAL A 35 13.18 21.46 18.59
C VAL A 35 12.69 22.03 17.25
N GLU A 36 13.61 22.52 16.44
CA GLU A 36 13.26 23.01 15.11
C GLU A 36 13.17 21.83 14.15
N LEU A 37 12.03 21.68 13.47
CA LEU A 37 11.79 20.54 12.62
C LEU A 37 11.75 20.93 11.15
N THR A 38 12.24 20.03 10.30
CA THR A 38 12.05 20.07 8.86
C THR A 38 10.87 19.16 8.49
N LEU A 39 10.00 19.66 7.62
CA LEU A 39 8.82 18.95 7.13
C LEU A 39 8.85 18.94 5.61
N ILE A 40 8.74 17.74 5.03
CA ILE A 40 8.80 17.57 3.57
C ILE A 40 7.76 16.54 3.15
N ARG A 41 6.95 16.90 2.17
CA ARG A 41 5.99 15.98 1.57
C ARG A 41 6.43 15.59 0.17
N SER A 42 6.33 14.29 -0.10
CA SER A 42 6.55 13.71 -1.43
C SER A 42 5.35 12.81 -1.69
N GLY A 43 4.51 13.20 -2.66
CA GLY A 43 3.29 12.45 -2.88
C GLY A 43 2.43 12.42 -1.63
N ASP A 44 2.05 11.22 -1.21
CA ASP A 44 1.18 11.05 -0.04
C ASP A 44 1.95 10.82 1.27
N VAL A 45 3.27 11.05 1.26
CA VAL A 45 4.12 10.73 2.41
C VAL A 45 4.74 12.02 2.93
N LEU A 46 4.50 12.32 4.21
CA LEU A 46 5.12 13.43 4.92
C LEU A 46 6.21 12.91 5.86
N THR A 47 7.40 13.50 5.76
CA THR A 47 8.57 13.12 6.54
C THR A 47 9.04 14.31 7.37
N ILE A 48 9.26 14.09 8.66
CA ILE A 48 9.51 15.13 9.64
C ILE A 48 10.72 14.72 10.44
N TYR A 49 11.69 15.64 10.58
CA TYR A 49 12.89 15.34 11.35
C TYR A 49 13.52 16.64 11.80
N PRO A 50 14.41 16.59 12.80
CA PRO A 50 15.00 17.84 13.30
C PRO A 50 15.83 18.51 12.22
N SER A 51 15.67 19.84 12.12
CA SER A 51 16.41 20.64 11.15
C SER A 51 17.84 20.82 11.64
N LYS A 52 18.80 20.18 10.96
CA LYS A 52 20.21 20.27 11.36
C LYS A 52 21.14 20.61 10.20
N GLY A 53 20.63 21.05 9.07
CA GLY A 53 21.49 21.32 7.93
C GLY A 53 20.99 20.63 6.69
N SER A 54 21.32 21.20 5.54
CA SER A 54 20.86 20.63 4.29
C SER A 54 21.88 19.63 3.74
N ILE A 55 21.38 18.73 2.87
CA ILE A 55 22.29 17.85 2.12
C ILE A 55 23.29 18.66 1.34
N ALA A 56 22.83 19.75 0.75
CA ALA A 56 23.75 20.58 -0.02
C ALA A 56 24.87 21.12 0.87
N ASP A 57 24.55 21.57 2.09
CA ASP A 57 25.59 22.02 3.02
C ASP A 57 26.53 20.88 3.38
N LEU A 58 25.97 19.69 3.61
CA LEU A 58 26.77 18.54 4.05
C LEU A 58 27.82 18.16 3.02
N VAL A 59 27.40 18.00 1.78
CA VAL A 59 28.32 17.55 0.73
C VAL A 59 29.38 18.62 0.47
N ALA A 60 28.97 19.89 0.45
CA ALA A 60 29.95 20.96 0.30
C ALA A 60 30.97 20.92 1.43
N THR A 61 30.53 20.64 2.66
CA THR A 61 31.48 20.51 3.75
C THR A 61 32.43 19.36 3.49
N LEU A 62 31.87 18.18 3.21
CA LEU A 62 32.71 17.00 2.99
C LEU A 62 33.78 17.25 1.91
N ASN A 63 33.39 17.88 0.81
CA ASN A 63 34.35 18.14 -0.26
C ASN A 63 35.45 19.08 0.18
N GLN A 64 35.24 19.85 1.24
CA GLN A 64 36.25 20.78 1.71
C GLN A 64 37.12 20.19 2.80
N MET A 65 36.76 19.01 3.32
CA MET A 65 37.63 18.27 4.21
C MET A 65 38.47 17.29 3.40
N PRO A 66 39.62 16.88 3.92
CA PRO A 66 40.45 15.92 3.19
C PRO A 66 39.82 14.54 3.22
N ARG A 67 39.92 13.84 2.11
CA ARG A 67 39.37 12.50 1.98
C ARG A 67 40.39 11.44 2.42
N PRO A 68 39.94 10.24 2.72
CA PRO A 68 40.89 9.14 2.91
C PRO A 68 41.44 8.67 1.57
N ASP A 69 42.58 7.99 1.63
CA ASP A 69 43.29 7.58 0.42
C ASP A 69 42.38 6.82 -0.56
N SER A 70 41.43 6.03 -0.05
CA SER A 70 40.60 5.19 -0.90
C SER A 70 39.21 5.05 -0.29
N VAL A 71 38.25 4.65 -1.12
CA VAL A 71 36.88 4.42 -0.69
C VAL A 71 36.78 3.00 -0.13
N GLU A 72 35.65 2.69 0.52
CA GLU A 72 35.30 1.38 1.09
C GLU A 72 36.08 1.11 2.37
N ILE A 73 35.35 0.75 3.42
CA ILE A 73 35.91 0.38 4.72
C ILE A 73 34.75 -0.13 5.57
N ALA B 2 10.85 10.72 0.22
CA ALA B 2 12.08 10.56 0.97
C ALA B 2 12.93 9.43 0.37
N TYR B 3 14.23 9.46 0.70
CA TYR B 3 15.18 8.45 0.27
C TYR B 3 15.90 7.87 1.48
N VAL B 4 16.13 6.56 1.46
CA VAL B 4 17.07 5.92 2.37
C VAL B 4 18.29 5.52 1.57
N LEU B 5 19.50 5.90 2.03
CA LEU B 5 20.75 5.49 1.37
C LEU B 5 21.16 4.08 1.79
N ASP B 6 21.48 3.23 0.82
CA ASP B 6 22.13 1.97 1.13
C ASP B 6 23.51 2.23 1.73
N THR B 7 24.00 1.28 2.53
CA THR B 7 25.25 1.49 3.26
C THR B 7 26.40 1.87 2.33
N ASN B 8 26.53 1.17 1.20
CA ASN B 8 27.62 1.46 0.28
C ASN B 8 27.56 2.89 -0.25
N VAL B 9 26.35 3.38 -0.58
CA VAL B 9 26.20 4.79 -0.93
C VAL B 9 26.75 5.68 0.17
N ALA B 10 26.34 5.41 1.41
CA ALA B 10 26.81 6.23 2.53
C ALA B 10 28.32 6.10 2.72
N ILE B 11 28.87 4.89 2.49
CA ILE B 11 30.31 4.69 2.61
C ILE B 11 31.04 5.54 1.58
N HIS B 12 30.54 5.53 0.34
CA HIS B 12 31.16 6.35 -0.70
C HIS B 12 31.02 7.83 -0.38
N LEU B 13 29.96 8.20 0.31
CA LEU B 13 29.82 9.57 0.78
C LEU B 13 30.83 9.87 1.87
N ARG B 14 30.95 8.98 2.88
CA ARG B 14 31.88 9.21 3.97
C ARG B 14 33.31 9.38 3.44
N ASP B 15 33.70 8.56 2.47
CA ASP B 15 35.08 8.54 2.02
C ASP B 15 35.36 9.47 0.84
N GLY B 16 34.34 10.14 0.30
CA GLY B 16 34.54 11.17 -0.70
C GLY B 16 34.52 10.74 -2.15
N ASP B 17 33.68 9.78 -2.50
CA ASP B 17 33.56 9.33 -3.89
C ASP B 17 32.89 10.42 -4.72
N PRO B 18 33.56 10.99 -5.73
CA PRO B 18 33.01 12.19 -6.37
C PRO B 18 31.81 11.91 -7.26
N GLU B 19 31.75 10.73 -7.87
CA GLU B 19 30.60 10.34 -8.69
C GLU B 19 29.44 9.83 -7.84
N VAL B 20 29.38 10.26 -6.59
CA VAL B 20 28.31 9.91 -5.64
C VAL B 20 27.92 11.17 -4.90
N THR B 21 28.92 12.00 -4.57
CA THR B 21 28.64 13.26 -3.89
C THR B 21 27.77 14.16 -4.74
N THR B 22 27.93 14.10 -6.06
CA THR B 22 27.14 14.94 -6.96
C THR B 22 25.71 14.44 -7.07
N ARG B 23 25.53 13.12 -7.20
CA ARG B 23 24.18 12.57 -7.37
C ARG B 23 23.37 12.68 -6.09
N VAL B 24 24.04 12.63 -4.93
CA VAL B 24 23.33 12.79 -3.67
C VAL B 24 22.75 14.20 -3.55
N THR B 25 23.50 15.21 -4.01
CA THR B 25 22.97 16.58 -3.98
C THR B 25 21.80 16.76 -4.94
N ALA B 26 21.83 16.11 -6.10
CA ALA B 26 20.74 16.20 -7.06
C ALA B 26 19.44 15.59 -6.57
N LEU B 27 19.42 14.90 -5.43
CA LEU B 27 18.19 14.30 -4.93
C LEU B 27 17.27 15.37 -4.34
N ASN B 28 16.01 15.37 -4.80
CA ASN B 28 14.99 16.33 -4.34
C ASN B 28 14.07 15.62 -3.34
N GLY B 29 14.56 15.48 -2.11
CA GLY B 29 13.76 14.91 -1.05
C GLY B 29 14.59 14.73 0.20
N ALA B 30 13.90 14.44 1.30
CA ALA B 30 14.59 14.14 2.55
C ALA B 30 15.48 12.91 2.36
N ILE B 31 16.72 13.00 2.82
CA ILE B 31 17.66 11.88 2.74
C ILE B 31 17.89 11.33 4.14
N LEU B 32 17.61 10.05 4.31
CA LEU B 32 17.61 9.43 5.63
C LEU B 32 18.69 8.36 5.71
N LEU B 33 19.23 8.17 6.92
CA LEU B 33 20.25 7.16 7.17
C LEU B 33 19.70 6.10 8.12
N SER B 34 19.80 4.85 7.73
CA SER B 34 19.45 3.77 8.65
C SER B 34 20.47 3.66 9.77
N ILE B 35 20.00 3.40 10.99
CA ILE B 35 20.92 3.14 12.10
C ILE B 35 21.76 1.92 11.80
N ILE B 36 21.26 1.03 10.94
CA ILE B 36 22.03 -0.15 10.56
C ILE B 36 23.23 0.27 9.71
N SER B 37 23.02 1.22 8.80
CA SER B 37 24.15 1.81 8.07
C SER B 37 25.09 2.53 9.02
N ARG B 38 24.55 3.22 10.04
CA ARG B 38 25.43 3.92 10.97
C ARG B 38 26.36 2.94 11.65
N VAL B 39 25.83 1.79 12.07
CA VAL B 39 26.67 0.78 12.71
C VAL B 39 27.77 0.33 11.76
N GLU B 40 27.41 0.06 10.50
CA GLU B 40 28.43 -0.33 9.52
C GLU B 40 29.45 0.77 9.28
N LEU B 41 28.98 2.03 9.20
CA LEU B 41 29.86 3.18 9.04
C LEU B 41 30.80 3.34 10.24
N GLU B 42 30.28 3.14 11.45
CA GLU B 42 31.13 3.22 12.63
C GLU B 42 32.24 2.19 12.56
N GLY B 43 31.87 0.93 12.26
CA GLY B 43 32.89 -0.10 12.10
C GLY B 43 33.96 0.27 11.08
N GLY B 44 33.57 0.82 9.93
CA GLY B 44 34.55 1.12 8.91
C GLY B 44 35.50 2.23 9.29
N VAL B 45 35.09 3.10 10.22
CA VAL B 45 36.00 4.09 10.77
C VAL B 45 37.31 3.45 11.26
N TYR B 46 37.20 2.30 11.94
CA TYR B 46 38.36 1.68 12.59
C TYR B 46 38.93 0.50 11.82
N ARG B 47 38.43 0.22 10.62
CA ARG B 47 38.99 -0.85 9.81
C ARG B 47 40.45 -0.59 9.48
N GLU B 48 40.78 0.60 9.00
CA GLU B 48 42.16 0.98 8.70
C GLU B 48 42.60 2.06 9.68
N ALA B 49 43.49 1.69 10.61
CA ALA B 49 43.88 2.59 11.68
C ALA B 49 44.46 3.90 11.16
N ALA B 50 45.24 3.85 10.08
CA ALA B 50 45.91 5.06 9.65
C ALA B 50 44.94 6.10 9.11
N GLN B 51 43.74 5.68 8.71
CA GLN B 51 42.74 6.60 8.17
C GLN B 51 41.54 6.77 9.10
N ALA B 52 41.64 6.29 10.34
CA ALA B 52 40.51 6.36 11.27
C ALA B 52 40.19 7.81 11.66
N GLY B 53 41.23 8.63 11.89
CA GLY B 53 40.98 10.03 12.21
C GLY B 53 40.18 10.74 11.15
N LEU B 54 40.63 10.66 9.88
CA LEU B 54 39.91 11.29 8.76
C LEU B 54 38.50 10.77 8.67
N ARG B 55 38.34 9.44 8.69
CA ARG B 55 37.01 8.85 8.55
C ARG B 55 36.11 9.27 9.72
N ARG B 56 36.68 9.36 10.92
CA ARG B 56 35.91 9.78 12.08
C ARG B 56 35.35 11.18 11.89
N SER B 57 36.20 12.12 11.47
CA SER B 57 35.76 13.50 11.28
C SER B 57 34.66 13.59 10.24
N ARG B 58 34.85 12.89 9.12
CA ARG B 58 33.88 12.98 8.04
C ARG B 58 32.58 12.29 8.44
N LEU B 59 32.65 11.18 9.19
CA LEU B 59 31.42 10.53 9.63
C LEU B 59 30.69 11.39 10.66
N ASP B 60 31.42 12.10 11.52
CA ASP B 60 30.76 12.94 12.50
C ASP B 60 29.98 14.07 11.83
N VAL B 61 30.50 14.59 10.72
CA VAL B 61 29.80 15.62 9.96
C VAL B 61 28.52 15.06 9.35
N MET B 62 28.56 13.82 8.88
CA MET B 62 27.35 13.17 8.35
C MET B 62 26.31 12.95 9.43
N LEU B 63 26.73 12.46 10.60
CA LEU B 63 25.79 12.18 11.66
C LEU B 63 25.27 13.45 12.32
N LYS B 64 25.94 14.58 12.12
CA LYS B 64 25.43 15.84 12.62
C LYS B 64 24.27 16.35 11.78
N VAL B 65 24.23 16.00 10.50
CA VAL B 65 23.25 16.54 9.57
C VAL B 65 22.12 15.56 9.32
N LEU B 66 22.43 14.30 9.07
CA LEU B 66 21.45 13.36 8.56
C LEU B 66 20.56 12.84 9.68
N PRO B 67 19.26 12.73 9.44
CA PRO B 67 18.40 11.99 10.38
C PRO B 67 18.61 10.47 10.27
N VAL B 68 18.55 9.81 11.41
CA VAL B 68 18.81 8.37 11.49
C VAL B 68 17.50 7.63 11.79
N LEU B 69 17.19 6.62 10.97
CA LEU B 69 16.05 5.74 11.23
C LEU B 69 16.46 4.60 12.15
N ASP B 70 15.86 4.54 13.33
CA ASP B 70 16.12 3.41 14.19
C ASP B 70 15.49 2.16 13.58
N PHE B 71 15.96 0.99 14.03
CA PHE B 71 15.40 -0.29 13.58
C PHE B 71 14.42 -0.76 14.63
N ASP B 72 13.13 -0.71 14.29
CA ASP B 72 12.10 -0.93 15.32
C ASP B 72 11.10 -1.97 14.85
N GLY B 73 10.01 -2.14 15.61
CA GLY B 73 9.05 -3.19 15.32
C GLY B 73 8.45 -3.08 13.92
N ALA B 74 8.14 -1.85 13.47
CA ALA B 74 7.61 -1.70 12.13
C ALA B 74 8.58 -2.21 11.07
N ALA B 75 9.88 -1.92 11.24
CA ALA B 75 10.88 -2.41 10.28
C ALA B 75 10.94 -3.94 10.29
N ALA B 76 10.95 -4.52 11.47
CA ALA B 76 11.02 -5.98 11.58
C ALA B 76 9.78 -6.63 10.98
N ASP B 77 8.61 -5.97 11.08
CA ASP B 77 7.40 -6.49 10.44
C ASP B 77 7.59 -6.56 8.92
N GLU B 78 8.19 -5.51 8.35
CA GLU B 78 8.44 -5.53 6.93
C GLU B 78 9.47 -6.59 6.57
N TYR B 79 10.46 -6.79 7.45
CA TYR B 79 11.45 -7.84 7.19
C TYR B 79 10.77 -9.19 7.13
N ARG B 80 9.92 -9.48 8.12
CA ARG B 80 9.15 -10.72 8.09
C ARG B 80 8.42 -10.88 6.76
N ARG B 81 7.75 -9.81 6.29
CA ARG B 81 7.04 -9.92 5.02
C ARG B 81 7.99 -10.22 3.88
N ILE B 82 9.21 -9.68 3.92
CA ILE B 82 10.16 -9.95 2.85
C ILE B 82 10.47 -11.43 2.81
N VAL B 83 10.77 -12.00 3.98
CA VAL B 83 11.06 -13.42 4.05
C VAL B 83 9.85 -14.27 3.60
N GLU B 84 8.63 -13.87 3.98
CA GLU B 84 7.45 -14.63 3.56
C GLU B 84 7.31 -14.65 2.04
N SER B 85 7.61 -13.54 1.38
CA SER B 85 7.45 -13.46 -0.07
C SER B 85 8.65 -14.04 -0.81
N ALA B 86 9.87 -13.75 -0.37
CA ALA B 86 11.03 -14.08 -1.17
C ALA B 86 11.79 -15.28 -0.66
N GLY B 87 11.45 -15.78 0.53
CA GLY B 87 12.24 -16.81 1.17
C GLY B 87 13.46 -16.22 1.85
N TYR B 88 13.97 -16.97 2.83
CA TYR B 88 15.13 -16.53 3.61
C TYR B 88 16.40 -16.53 2.76
N SER B 89 17.30 -15.58 3.04
CA SER B 89 18.62 -15.46 2.42
C SER B 89 19.61 -14.95 3.47
N ARG B 90 20.54 -15.81 3.89
CA ARG B 90 21.53 -15.39 4.89
C ARG B 90 22.33 -14.20 4.39
N ARG B 91 22.80 -14.28 3.14
CA ARG B 91 23.66 -13.25 2.58
C ARG B 91 22.99 -11.89 2.56
N LYS B 92 21.65 -11.84 2.50
CA LYS B 92 20.98 -10.56 2.30
C LYS B 92 20.20 -10.10 3.53
N VAL B 93 20.45 -10.69 4.71
CA VAL B 93 19.68 -10.27 5.88
C VAL B 93 19.85 -8.77 6.12
N VAL B 94 21.09 -8.27 6.11
CA VAL B 94 21.35 -6.88 6.45
C VAL B 94 20.78 -5.95 5.40
N ASP B 95 21.09 -6.21 4.11
CA ASP B 95 20.40 -5.56 2.98
C ASP B 95 18.90 -5.44 3.26
N ARG B 96 18.28 -6.56 3.59
CA ARG B 96 16.83 -6.57 3.69
C ARG B 96 16.34 -5.81 4.92
N MET B 97 17.14 -5.79 5.99
CA MET B 97 16.78 -4.96 7.14
C MET B 97 16.75 -3.49 6.76
N ILE B 98 17.75 -3.02 6.00
CA ILE B 98 17.75 -1.62 5.62
C ILE B 98 16.59 -1.33 4.67
N ALA B 99 16.39 -2.21 3.68
CA ALA B 99 15.26 -2.01 2.76
C ALA B 99 13.92 -2.10 3.51
N ALA B 100 13.86 -2.89 4.58
CA ALA B 100 12.63 -2.94 5.38
C ALA B 100 12.32 -1.59 6.02
N GLN B 101 13.35 -0.85 6.41
CA GLN B 101 13.16 0.49 6.95
C GLN B 101 12.65 1.45 5.88
N ALA B 102 13.19 1.33 4.66
CA ALA B 102 12.65 2.13 3.55
C ALA B 102 11.17 1.82 3.34
N LEU B 103 10.81 0.54 3.40
CA LEU B 103 9.42 0.17 3.15
C LEU B 103 8.52 0.72 4.23
N ALA B 104 8.95 0.63 5.49
CA ALA B 104 8.12 1.08 6.60
C ALA B 104 7.91 2.57 6.56
N HIS B 105 8.91 3.31 6.06
CA HIS B 105 8.81 4.75 6.01
C HIS B 105 8.46 5.25 4.61
N ARG B 106 8.01 4.34 3.74
CA ARG B 106 7.64 4.60 2.34
C ARG B 106 8.66 5.51 1.67
N ALA B 107 9.92 5.10 1.76
CA ALA B 107 11.01 5.86 1.20
C ALA B 107 11.58 5.11 0.02
N THR B 108 12.17 5.86 -0.91
CA THR B 108 12.86 5.25 -2.05
C THR B 108 14.27 4.83 -1.60
N PHE B 109 14.67 3.62 -1.98
CA PHE B 109 15.92 3.02 -1.55
C PHE B 109 16.99 3.25 -2.62
N VAL B 110 18.09 3.88 -2.26
CA VAL B 110 19.14 4.24 -3.23
C VAL B 110 20.31 3.31 -3.01
N THR B 111 20.67 2.55 -4.04
CA THR B 111 21.72 1.55 -3.89
C THR B 111 22.58 1.43 -5.14
N PHE B 112 23.79 0.88 -4.94
CA PHE B 112 24.64 0.44 -6.03
C PHE B 112 24.40 -1.00 -6.42
N ASN B 113 23.57 -1.71 -5.66
CA ASN B 113 23.38 -3.14 -5.85
C ASN B 113 21.91 -3.45 -6.00
N ALA B 114 21.24 -2.69 -6.88
CA ALA B 114 19.80 -2.85 -7.08
C ALA B 114 19.40 -4.30 -7.33
N ASP B 115 20.24 -5.06 -8.04
CA ASP B 115 19.87 -6.44 -8.35
C ASP B 115 19.59 -7.27 -7.11
N ASP B 116 20.24 -6.95 -5.98
CA ASP B 116 20.01 -7.72 -4.77
C ASP B 116 18.69 -7.40 -4.11
N PHE B 117 17.98 -6.39 -4.61
CA PHE B 117 16.79 -5.86 -3.98
C PHE B 117 15.55 -6.00 -4.83
N ARG B 118 15.64 -6.67 -5.96
CA ARG B 118 14.47 -6.77 -6.82
C ARG B 118 13.46 -7.83 -6.35
N ASP B 119 13.78 -8.64 -5.35
CA ASP B 119 12.81 -9.60 -4.86
C ASP B 119 12.00 -9.05 -3.70
N ILE B 120 12.08 -7.75 -3.44
CA ILE B 120 11.41 -7.15 -2.30
C ILE B 120 10.12 -6.50 -2.77
N PRO B 121 8.94 -7.09 -2.55
CA PRO B 121 7.68 -6.48 -3.05
C PRO B 121 7.45 -5.10 -2.46
N GLY B 122 7.05 -4.15 -3.32
CA GLY B 122 6.66 -2.83 -2.87
C GLY B 122 7.78 -1.81 -2.77
N LEU B 123 9.02 -2.24 -2.95
CA LEU B 123 10.17 -1.37 -2.69
C LEU B 123 10.39 -0.44 -3.87
N SER B 124 10.36 0.87 -3.60
CA SER B 124 10.76 1.88 -4.57
C SER B 124 12.28 1.96 -4.60
N LEU B 125 12.86 1.71 -5.77
CA LEU B 125 14.28 1.48 -5.93
C LEU B 125 14.90 2.57 -6.80
N LEU B 126 16.00 3.15 -6.34
CA LEU B 126 16.78 4.04 -7.20
C LEU B 126 18.15 3.40 -7.39
N ALA B 127 18.42 2.94 -8.61
CA ALA B 127 19.62 2.20 -8.93
C ALA B 127 20.72 3.16 -9.38
N TRP B 128 21.85 3.13 -8.68
CA TRP B 128 22.98 4.00 -8.99
C TRP B 128 24.20 3.20 -9.44
N ALA C 2 17.72 -7.17 34.34
CA ALA C 2 17.08 -7.80 33.19
C ALA C 2 18.05 -8.72 32.48
N TYR C 3 17.53 -9.67 31.69
CA TYR C 3 18.34 -10.54 30.84
C TYR C 3 18.00 -10.27 29.38
N VAL C 4 19.03 -10.34 28.51
CA VAL C 4 18.84 -10.38 27.07
C VAL C 4 19.26 -11.77 26.60
N LEU C 5 18.35 -12.50 25.97
CA LEU C 5 18.64 -13.81 25.44
C LEU C 5 19.34 -13.67 24.10
N ASP C 6 20.50 -14.32 23.94
CA ASP C 6 21.12 -14.37 22.62
C ASP C 6 20.18 -15.10 21.65
N THR C 7 20.46 -14.96 20.37
CA THR C 7 19.57 -15.54 19.36
C THR C 7 19.44 -17.05 19.52
N ASN C 8 20.57 -17.74 19.67
CA ASN C 8 20.50 -19.19 19.75
C ASN C 8 19.71 -19.66 20.95
N VAL C 9 19.81 -18.92 22.07
CA VAL C 9 19.03 -19.28 23.25
C VAL C 9 17.55 -19.11 22.96
N ALA C 10 17.19 -18.04 22.25
CA ALA C 10 15.80 -17.81 21.92
C ALA C 10 15.28 -18.82 20.91
N ILE C 11 16.13 -19.26 19.99
CA ILE C 11 15.77 -20.34 19.06
C ILE C 11 15.45 -21.62 19.82
N HIS C 12 16.26 -21.91 20.82
CA HIS C 12 16.01 -23.09 21.64
C HIS C 12 14.72 -22.95 22.41
N LEU C 13 14.38 -21.74 22.83
CA LEU C 13 13.10 -21.50 23.46
C LEU C 13 11.94 -21.70 22.47
N ARG C 14 12.02 -21.05 21.29
CA ARG C 14 10.96 -21.21 20.31
C ARG C 14 10.74 -22.67 19.94
N ASP C 15 11.82 -23.41 19.72
CA ASP C 15 11.72 -24.75 19.18
C ASP C 15 11.57 -25.82 20.25
N GLY C 16 11.41 -25.44 21.52
CA GLY C 16 11.00 -26.41 22.53
C GLY C 16 12.10 -27.25 23.14
N ASP C 17 13.33 -26.78 23.15
CA ASP C 17 14.42 -27.47 23.87
C ASP C 17 14.09 -27.51 25.36
N PRO C 18 13.88 -28.67 25.96
CA PRO C 18 13.43 -28.70 27.37
C PRO C 18 14.48 -28.21 28.34
N GLU C 19 15.76 -28.29 27.99
CA GLU C 19 16.82 -27.87 28.90
C GLU C 19 16.90 -26.35 28.95
N VAL C 20 16.88 -25.70 27.79
CA VAL C 20 16.89 -24.24 27.78
C VAL C 20 15.61 -23.70 28.39
N THR C 21 14.48 -24.33 28.09
CA THR C 21 13.20 -23.79 28.54
C THR C 21 13.11 -23.81 30.05
N THR C 22 13.57 -24.89 30.68
CA THR C 22 13.63 -24.97 32.14
C THR C 22 14.54 -23.90 32.71
N ARG C 23 15.73 -23.70 32.12
CA ARG C 23 16.67 -22.74 32.67
C ARG C 23 16.12 -21.32 32.60
N VAL C 24 15.53 -20.96 31.46
CA VAL C 24 14.99 -19.62 31.25
C VAL C 24 13.89 -19.33 32.27
N THR C 25 13.11 -20.35 32.61
CA THR C 25 12.01 -20.17 33.56
C THR C 25 12.53 -19.72 34.91
N ALA C 26 13.78 -20.02 35.23
CA ALA C 26 14.30 -19.73 36.56
C ALA C 26 14.97 -18.36 36.64
N LEU C 27 15.06 -17.64 35.53
CA LEU C 27 15.71 -16.34 35.55
C LEU C 27 14.80 -15.30 36.20
N ASN C 28 15.40 -14.41 37.00
CA ASN C 28 14.68 -13.34 37.65
C ASN C 28 14.71 -12.06 36.81
N GLY C 29 13.67 -11.25 36.95
CA GLY C 29 13.60 -9.98 36.28
C GLY C 29 13.30 -10.12 34.80
N ALA C 30 13.26 -8.97 34.13
CA ALA C 30 12.80 -8.89 32.75
C ALA C 30 13.63 -9.79 31.84
N ILE C 31 12.95 -10.59 31.02
CA ILE C 31 13.58 -11.34 29.94
C ILE C 31 13.31 -10.59 28.64
N LEU C 32 14.39 -10.19 27.95
CA LEU C 32 14.25 -9.34 26.76
C LEU C 32 14.91 -9.99 25.55
N LEU C 33 14.49 -9.54 24.36
CA LEU C 33 15.10 -9.94 23.10
C LEU C 33 15.58 -8.70 22.36
N SER C 34 16.74 -8.80 21.72
CA SER C 34 17.11 -7.79 20.74
C SER C 34 16.26 -7.92 19.48
N ILE C 35 15.90 -6.77 18.91
CA ILE C 35 15.20 -6.80 17.62
C ILE C 35 16.07 -7.47 16.56
N ILE C 36 17.41 -7.41 16.69
CA ILE C 36 18.23 -8.15 15.75
C ILE C 36 17.93 -9.65 15.87
N SER C 37 17.82 -10.12 17.11
CA SER C 37 17.42 -11.52 17.30
C SER C 37 16.04 -11.77 16.74
N ARG C 38 15.10 -10.82 16.92
CA ARG C 38 13.79 -11.07 16.33
C ARG C 38 13.89 -11.24 14.82
N VAL C 39 14.74 -10.42 14.15
CA VAL C 39 14.97 -10.58 12.71
C VAL C 39 15.48 -12.00 12.40
N GLU C 40 16.47 -12.46 13.15
CA GLU C 40 16.99 -13.82 12.95
C GLU C 40 15.92 -14.89 13.18
N LEU C 41 15.12 -14.75 14.24
CA LEU C 41 14.05 -15.72 14.49
C LEU C 41 12.99 -15.71 13.39
N GLU C 42 12.69 -14.54 12.82
CA GLU C 42 11.65 -14.47 11.80
C GLU C 42 12.10 -15.20 10.54
N GLY C 43 13.40 -15.12 10.23
CA GLY C 43 13.97 -15.80 9.07
C GLY C 43 13.93 -17.31 9.16
N GLY C 44 13.84 -17.88 10.38
CA GLY C 44 13.82 -19.32 10.50
C GLY C 44 12.45 -19.97 10.45
N VAL C 45 11.39 -19.15 10.47
CA VAL C 45 10.04 -19.68 10.60
C VAL C 45 9.69 -20.60 9.44
N TYR C 46 10.04 -20.21 8.21
CA TYR C 46 9.63 -20.98 7.04
C TYR C 46 10.77 -21.83 6.48
N ARG C 47 11.84 -22.01 7.26
CA ARG C 47 12.96 -22.86 6.84
C ARG C 47 12.48 -24.24 6.44
N GLU C 48 11.75 -24.90 7.32
CA GLU C 48 11.23 -26.25 7.10
C GLU C 48 9.73 -26.13 6.88
N ALA C 49 9.28 -26.32 5.63
CA ALA C 49 7.94 -25.93 5.24
C ALA C 49 6.89 -26.60 6.13
N ALA C 50 7.04 -27.89 6.39
CA ALA C 50 6.04 -28.64 7.14
C ALA C 50 5.92 -28.17 8.59
N GLN C 51 6.93 -27.48 9.11
CA GLN C 51 6.95 -26.95 10.47
C GLN C 51 6.61 -25.46 10.53
N ALA C 52 6.32 -24.85 9.38
CA ALA C 52 6.17 -23.40 9.32
C ALA C 52 5.06 -22.90 10.24
N GLY C 53 3.89 -23.55 10.19
CA GLY C 53 2.77 -23.07 11.00
C GLY C 53 3.09 -23.16 12.48
N LEU C 54 3.83 -24.20 12.87
CA LEU C 54 4.20 -24.40 14.26
C LEU C 54 5.18 -23.34 14.72
N ARG C 55 6.23 -23.10 13.95
CA ARG C 55 7.20 -22.07 14.32
C ARG C 55 6.57 -20.68 14.31
N ARG C 56 5.70 -20.40 13.35
CA ARG C 56 4.92 -19.16 13.33
C ARG C 56 4.20 -18.95 14.65
N SER C 57 3.40 -19.95 15.04
CA SER C 57 2.61 -19.81 16.25
C SER C 57 3.50 -19.67 17.48
N ARG C 58 4.55 -20.46 17.57
CA ARG C 58 5.38 -20.43 18.77
C ARG C 58 6.16 -19.11 18.86
N LEU C 59 6.69 -18.63 17.73
CA LEU C 59 7.36 -17.32 17.77
C LEU C 59 6.37 -16.22 18.09
N ASP C 60 5.16 -16.25 17.51
CA ASP C 60 4.16 -15.22 17.81
C ASP C 60 3.81 -15.19 19.28
N VAL C 61 3.71 -16.36 19.92
CA VAL C 61 3.48 -16.40 21.37
C VAL C 61 4.66 -15.77 22.14
N MET C 62 5.90 -16.07 21.75
CA MET C 62 7.05 -15.44 22.40
C MET C 62 7.02 -13.93 22.24
N LEU C 63 6.68 -13.43 21.04
CA LEU C 63 6.69 -11.97 20.82
C LEU C 63 5.52 -11.27 21.50
N LYS C 64 4.48 -12.01 21.93
CA LYS C 64 3.44 -11.42 22.77
C LYS C 64 3.92 -11.12 24.20
N VAL C 65 4.94 -11.84 24.67
CA VAL C 65 5.36 -11.76 26.07
C VAL C 65 6.71 -11.04 26.21
N LEU C 66 7.71 -11.42 25.39
CA LEU C 66 9.05 -10.91 25.60
C LEU C 66 9.19 -9.54 24.94
N PRO C 67 9.46 -8.48 25.69
CA PRO C 67 9.73 -7.18 25.05
C PRO C 67 10.91 -7.31 24.09
N VAL C 68 10.80 -6.62 22.95
CA VAL C 68 11.82 -6.62 21.90
C VAL C 68 12.44 -5.23 21.89
N LEU C 69 13.77 -5.15 22.08
CA LEU C 69 14.50 -3.88 22.16
C LEU C 69 14.74 -3.32 20.75
N ASP C 70 14.21 -2.12 20.47
CA ASP C 70 14.45 -1.49 19.19
C ASP C 70 15.91 -1.06 19.13
N PHE C 71 16.53 -1.16 17.94
CA PHE C 71 17.93 -0.78 17.82
C PHE C 71 18.02 0.72 17.61
N ASP C 72 18.48 1.43 18.65
CA ASP C 72 18.39 2.90 18.73
C ASP C 72 19.77 3.55 18.78
N GLY C 73 19.79 4.89 18.81
CA GLY C 73 21.04 5.61 18.93
C GLY C 73 21.90 5.15 20.10
N ALA C 74 21.26 4.86 21.24
CA ALA C 74 22.03 4.41 22.39
C ALA C 74 22.73 3.09 22.11
N ALA C 75 22.07 2.19 21.37
CA ALA C 75 22.74 0.94 21.04
C ALA C 75 23.89 1.18 20.06
N ALA C 76 23.70 2.08 19.10
CA ALA C 76 24.80 2.34 18.16
C ALA C 76 25.98 3.03 18.86
N ASP C 77 25.71 3.86 19.88
CA ASP C 77 26.80 4.41 20.69
C ASP C 77 27.58 3.30 21.37
N GLU C 78 26.89 2.32 21.95
CA GLU C 78 27.61 1.21 22.56
C GLU C 78 28.39 0.43 21.51
N TYR C 79 27.82 0.27 20.30
CA TYR C 79 28.54 -0.40 19.23
C TYR C 79 29.83 0.34 18.88
N ARG C 80 29.76 1.66 18.76
CA ARG C 80 30.96 2.42 18.43
C ARG C 80 32.03 2.23 19.51
N ARG C 81 31.63 2.25 20.79
CA ARG C 81 32.61 2.04 21.84
C ARG C 81 33.22 0.63 21.76
N ILE C 82 32.42 -0.37 21.34
CA ILE C 82 32.94 -1.72 21.19
C ILE C 82 34.07 -1.75 20.16
N VAL C 83 33.80 -1.24 18.95
CA VAL C 83 34.81 -1.31 17.89
C VAL C 83 35.96 -0.36 18.18
N GLU C 84 35.68 0.77 18.84
CA GLU C 84 36.75 1.65 19.29
C GLU C 84 37.75 0.92 20.17
N SER C 85 37.27 0.09 21.10
CA SER C 85 38.23 -0.51 22.03
C SER C 85 38.68 -1.89 21.58
N ALA C 86 37.78 -2.72 21.05
CA ALA C 86 38.19 -4.07 20.68
C ALA C 86 38.68 -4.18 19.24
N GLY C 87 38.49 -3.16 18.42
CA GLY C 87 38.82 -3.28 17.01
C GLY C 87 37.64 -3.78 16.18
N TYR C 88 37.74 -3.52 14.88
CA TYR C 88 36.71 -3.91 13.94
C TYR C 88 36.71 -5.42 13.70
N SER C 89 35.52 -6.00 13.59
CA SER C 89 35.39 -7.40 13.16
C SER C 89 34.15 -7.55 12.27
N ARG C 90 34.37 -7.97 11.02
CA ARG C 90 33.25 -8.20 10.11
C ARG C 90 32.38 -9.35 10.58
N ARG C 91 33.00 -10.44 11.03
CA ARG C 91 32.24 -11.62 11.43
C ARG C 91 31.34 -11.33 12.64
N LYS C 92 31.72 -10.40 13.49
CA LYS C 92 31.01 -10.22 14.76
C LYS C 92 30.10 -9.00 14.78
N VAL C 93 29.83 -8.40 13.62
CA VAL C 93 28.97 -7.20 13.59
C VAL C 93 27.62 -7.51 14.21
N VAL C 94 26.96 -8.59 13.76
CA VAL C 94 25.63 -8.90 14.25
C VAL C 94 25.68 -9.21 15.74
N ASP C 95 26.59 -10.10 16.15
CA ASP C 95 26.78 -10.40 17.57
C ASP C 95 26.97 -9.15 18.40
N ARG C 96 27.77 -8.20 17.90
CA ARG C 96 28.04 -7.01 18.72
C ARG C 96 26.86 -6.05 18.73
N MET C 97 26.05 -6.03 17.67
CA MET C 97 24.84 -5.21 17.73
C MET C 97 23.92 -5.71 18.83
N ILE C 98 23.82 -7.03 18.95
CA ILE C 98 22.99 -7.62 20.01
C ILE C 98 23.59 -7.30 21.38
N ALA C 99 24.91 -7.47 21.54
CA ALA C 99 25.57 -7.16 22.82
C ALA C 99 25.48 -5.68 23.14
N ALA C 100 25.57 -4.81 22.12
CA ALA C 100 25.41 -3.37 22.36
C ALA C 100 24.05 -3.05 22.97
N GLN C 101 23.01 -3.76 22.56
CA GLN C 101 21.71 -3.50 23.16
C GLN C 101 21.70 -3.94 24.61
N ALA C 102 22.36 -5.07 24.90
CA ALA C 102 22.51 -5.47 26.30
C ALA C 102 23.28 -4.42 27.10
N LEU C 103 24.39 -3.95 26.58
CA LEU C 103 25.14 -2.88 27.24
C LEU C 103 24.26 -1.66 27.49
N ALA C 104 23.54 -1.20 26.44
CA ALA C 104 22.74 0.03 26.58
C ALA C 104 21.69 -0.10 27.67
N HIS C 105 21.22 -1.31 27.94
CA HIS C 105 20.22 -1.51 28.97
C HIS C 105 20.78 -2.08 30.25
N ARG C 106 22.10 -2.20 30.35
CA ARG C 106 22.73 -2.76 31.56
C ARG C 106 22.13 -4.12 31.91
N ALA C 107 21.87 -4.92 30.87
CA ALA C 107 21.24 -6.21 31.03
C ALA C 107 22.30 -7.30 30.93
N THR C 108 22.03 -8.43 31.60
CA THR C 108 22.92 -9.57 31.51
C THR C 108 22.60 -10.36 30.24
N PHE C 109 23.62 -10.61 29.42
CA PHE C 109 23.49 -11.28 28.15
C PHE C 109 23.65 -12.79 28.33
N VAL C 110 22.63 -13.56 28.00
CA VAL C 110 22.59 -15.01 28.17
C VAL C 110 22.99 -15.65 26.85
N THR C 111 24.02 -16.49 26.86
CA THR C 111 24.52 -16.95 25.56
C THR C 111 25.22 -18.30 25.67
N PHE C 112 25.22 -19.02 24.53
CA PHE C 112 26.01 -20.24 24.33
C PHE C 112 27.40 -19.95 23.78
N ASN C 113 27.69 -18.69 23.45
CA ASN C 113 28.83 -18.29 22.63
C ASN C 113 29.62 -17.18 23.30
N ALA C 114 29.86 -17.33 24.62
CA ALA C 114 30.54 -16.29 25.37
C ALA C 114 31.91 -15.95 24.79
N ASP C 115 32.59 -16.95 24.20
CA ASP C 115 33.92 -16.72 23.63
C ASP C 115 33.95 -15.51 22.70
N ASP C 116 32.91 -15.35 21.89
CA ASP C 116 32.89 -14.25 20.94
C ASP C 116 32.57 -12.89 21.58
N PHE C 117 32.18 -12.87 22.86
CA PHE C 117 31.85 -11.63 23.54
C PHE C 117 32.81 -11.30 24.68
N ARG C 118 33.96 -11.98 24.77
CA ARG C 118 34.90 -11.72 25.85
C ARG C 118 35.68 -10.43 25.64
N ASP C 119 35.73 -9.93 24.41
CA ASP C 119 36.45 -8.71 24.07
C ASP C 119 35.59 -7.47 24.24
N ILE C 120 34.39 -7.60 24.79
CA ILE C 120 33.47 -6.47 24.93
C ILE C 120 33.53 -5.99 26.38
N PRO C 121 34.14 -4.83 26.64
CA PRO C 121 34.37 -4.37 28.01
C PRO C 121 33.08 -3.94 28.69
N GLY C 122 32.86 -4.48 29.88
CA GLY C 122 31.70 -4.10 30.67
C GLY C 122 30.44 -4.89 30.39
N LEU C 123 30.50 -5.92 29.56
CA LEU C 123 29.32 -6.72 29.24
C LEU C 123 29.07 -7.72 30.36
N SER C 124 27.90 -7.65 30.99
CA SER C 124 27.50 -8.70 31.92
C SER C 124 27.06 -9.93 31.13
N LEU C 125 27.68 -11.07 31.44
CA LEU C 125 27.50 -12.29 30.66
C LEU C 125 26.99 -13.43 31.54
N LEU C 126 26.03 -14.20 31.03
CA LEU C 126 25.70 -15.49 31.61
C LEU C 126 25.94 -16.55 30.54
N ALA C 127 27.00 -17.35 30.73
CA ALA C 127 27.49 -18.26 29.70
C ALA C 127 26.93 -19.66 29.93
N TRP C 128 26.19 -20.17 28.95
CA TRP C 128 25.55 -21.47 29.06
C TRP C 128 26.23 -22.50 28.14
N ALA D 8 7.01 19.77 -1.47
CA ALA D 8 6.83 20.95 -0.63
C ALA D 8 7.51 20.79 0.75
N ARG D 9 8.16 21.84 1.23
CA ARG D 9 8.94 21.81 2.47
C ARG D 9 8.54 22.96 3.37
N ALA D 10 8.56 22.70 4.68
CA ALA D 10 8.37 23.72 5.70
C ALA D 10 9.33 23.48 6.85
N THR D 11 9.44 24.46 7.73
CA THR D 11 10.16 24.31 8.99
C THR D 11 9.32 24.91 10.10
N GLY D 12 9.47 24.40 11.29
CA GLY D 12 8.78 24.97 12.43
C GLY D 12 8.98 24.11 13.66
N LYS D 13 8.41 24.57 14.75
CA LYS D 13 8.40 23.87 16.02
C LYS D 13 7.00 23.36 16.32
N THR D 14 6.91 22.45 17.28
CA THR D 14 5.64 21.89 17.68
C THR D 14 4.89 22.88 18.58
N PHE D 15 3.65 22.53 18.90
CA PHE D 15 2.86 23.33 19.85
C PHE D 15 1.98 22.38 20.65
N ARG D 16 1.31 22.93 21.65
CA ARG D 16 0.46 22.14 22.54
C ARG D 16 -0.99 22.32 22.13
N SER D 17 -1.70 21.20 22.02
CA SER D 17 -3.14 21.25 21.75
C SER D 17 -3.80 20.11 22.49
N GLY D 18 -4.80 20.45 23.30
CA GLY D 18 -5.56 19.49 24.10
C GLY D 18 -4.72 18.50 24.87
N ASN D 19 -3.70 18.99 25.59
CA ASN D 19 -2.85 18.15 26.43
C ASN D 19 -2.01 17.19 25.60
N SER D 20 -1.65 17.60 24.38
CA SER D 20 -0.83 16.81 23.48
C SER D 20 0.06 17.75 22.68
N GLU D 21 1.23 17.27 22.33
CA GLU D 21 2.01 17.93 21.29
C GLU D 21 1.29 17.80 19.94
N ALA D 22 1.61 18.72 19.03
CA ALA D 22 1.07 18.73 17.67
C ALA D 22 2.02 19.51 16.78
N VAL D 23 1.88 19.31 15.46
CA VAL D 23 2.66 20.08 14.50
C VAL D 23 1.73 20.65 13.44
N ARG D 24 2.03 21.86 12.99
CA ARG D 24 1.24 22.46 11.93
C ARG D 24 1.69 21.94 10.58
N LEU D 25 0.72 21.67 9.70
CA LEU D 25 1.01 21.23 8.34
C LEU D 25 0.62 22.36 7.42
N PRO D 26 1.58 23.16 6.94
CA PRO D 26 1.26 24.32 6.09
C PRO D 26 0.50 23.90 4.84
N ARG D 27 -0.05 24.89 4.16
CA ARG D 27 -1.05 24.64 3.12
C ARG D 27 -0.59 23.60 2.11
N ASP D 28 0.62 23.72 1.57
CA ASP D 28 1.10 22.76 0.57
C ASP D 28 1.49 21.40 1.16
N LEU D 29 1.47 21.23 2.48
CA LEU D 29 1.72 19.92 3.06
C LEU D 29 0.47 19.22 3.57
N ALA D 30 -0.62 19.95 3.74
CA ALA D 30 -1.81 19.44 4.40
C ALA D 30 -2.43 18.28 3.62
N PHE D 31 -3.02 17.32 4.37
CA PHE D 31 -3.74 16.21 3.79
C PHE D 31 -5.22 16.47 3.57
N GLY D 32 -5.79 17.44 4.24
CA GLY D 32 -7.21 17.74 4.10
C GLY D 32 -8.02 17.26 5.29
N ALA D 33 -9.31 17.56 5.23
CA ALA D 33 -10.20 17.35 6.37
C ALA D 33 -10.60 15.90 6.51
N ASP D 34 -10.65 15.41 7.76
CA ASP D 34 -11.23 14.13 8.10
C ASP D 34 -10.44 12.94 7.51
N VAL D 35 -9.16 13.15 7.21
CA VAL D 35 -8.30 12.10 6.70
C VAL D 35 -7.64 11.42 7.89
N GLU D 36 -7.78 10.11 7.98
CA GLU D 36 -7.10 9.37 9.02
C GLU D 36 -5.65 9.10 8.60
N LEU D 37 -4.74 9.26 9.54
CA LEU D 37 -3.32 9.22 9.22
C LEU D 37 -2.64 8.15 10.07
N THR D 38 -1.67 7.49 9.45
CA THR D 38 -0.75 6.61 10.17
C THR D 38 0.52 7.39 10.42
N LEU D 39 1.02 7.31 11.64
CA LEU D 39 2.23 7.98 12.10
C LEU D 39 3.22 6.92 12.56
N ILE D 40 4.45 7.00 12.07
CA ILE D 40 5.49 6.06 12.45
C ILE D 40 6.73 6.86 12.83
N ARG D 41 7.12 6.77 14.10
CA ARG D 41 8.33 7.43 14.59
C ARG D 41 9.42 6.38 14.75
N SER D 42 10.57 6.58 14.08
CA SER D 42 11.75 5.70 14.21
C SER D 42 13.02 6.55 14.35
N GLY D 43 13.59 6.62 15.55
CA GLY D 43 14.78 7.44 15.72
C GLY D 43 14.45 8.92 15.53
N ASP D 44 15.17 9.58 14.62
CA ASP D 44 14.96 11.01 14.37
C ASP D 44 13.76 11.29 13.47
N VAL D 45 13.15 10.29 12.86
CA VAL D 45 12.25 10.48 11.73
C VAL D 45 10.81 10.12 12.12
N LEU D 46 9.90 11.04 11.86
CA LEU D 46 8.46 10.78 11.93
C LEU D 46 7.91 10.76 10.52
N THR D 47 7.29 9.65 10.12
CA THR D 47 6.67 9.54 8.80
C THR D 47 5.16 9.45 8.93
N ILE D 48 4.44 10.23 8.11
CA ILE D 48 2.99 10.31 8.21
C ILE D 48 2.40 10.10 6.82
N TYR D 49 1.36 9.25 6.73
CA TYR D 49 0.67 9.02 5.47
C TYR D 49 -0.75 8.58 5.76
N PRO D 50 -1.65 8.67 4.76
CA PRO D 50 -3.06 8.30 5.00
C PRO D 50 -3.21 6.82 5.34
N SER D 51 -4.02 6.54 6.38
CA SER D 51 -4.20 5.17 6.85
C SER D 51 -4.98 4.31 5.85
N LYS D 52 -5.91 4.89 5.12
CA LYS D 52 -6.93 4.11 4.42
C LYS D 52 -6.56 4.00 2.95
N GLY D 53 -6.43 2.77 2.47
CA GLY D 53 -6.05 2.51 1.09
C GLY D 53 -7.25 2.09 0.26
N SER D 54 -7.18 2.39 -1.04
CA SER D 54 -8.21 2.02 -1.99
C SER D 54 -8.13 0.53 -2.31
N ILE D 55 -9.15 0.02 -3.01
CA ILE D 55 -9.05 -1.35 -3.47
C ILE D 55 -7.94 -1.48 -4.51
N ALA D 56 -7.69 -0.42 -5.30
CA ALA D 56 -6.54 -0.45 -6.20
C ALA D 56 -5.23 -0.57 -5.42
N ASP D 57 -5.11 0.17 -4.31
CA ASP D 57 -3.92 0.05 -3.47
C ASP D 57 -3.72 -1.39 -3.03
N LEU D 58 -4.80 -2.07 -2.61
CA LEU D 58 -4.68 -3.45 -2.15
C LEU D 58 -4.23 -4.35 -3.29
N VAL D 59 -4.91 -4.24 -4.43
CA VAL D 59 -4.59 -5.14 -5.54
C VAL D 59 -3.18 -4.89 -6.06
N ALA D 60 -2.76 -3.62 -6.11
CA ALA D 60 -1.39 -3.32 -6.52
C ALA D 60 -0.40 -3.93 -5.55
N THR D 61 -0.68 -3.88 -4.25
CA THR D 61 0.22 -4.52 -3.30
C THR D 61 0.26 -6.03 -3.52
N LEU D 62 -0.89 -6.67 -3.71
CA LEU D 62 -0.93 -8.10 -3.98
C LEU D 62 -0.17 -8.45 -5.26
N ASN D 63 -0.30 -7.62 -6.29
CA ASN D 63 0.34 -7.95 -7.57
C ASN D 63 1.85 -7.77 -7.54
N GLN D 64 2.38 -7.00 -6.58
CA GLN D 64 3.82 -6.91 -6.41
C GLN D 64 4.39 -8.13 -5.71
N MET D 65 3.57 -8.89 -5.05
CA MET D 65 4.02 -10.06 -4.32
C MET D 65 3.93 -11.29 -5.21
N PRO D 66 4.82 -12.28 -5.03
CA PRO D 66 4.69 -13.52 -5.82
C PRO D 66 3.31 -14.14 -5.63
N ARG D 67 2.82 -14.72 -6.65
CA ARG D 67 1.59 -15.37 -6.28
C ARG D 67 1.80 -16.86 -6.09
N PRO D 68 0.92 -17.51 -5.34
CA PRO D 68 1.10 -18.94 -5.03
C PRO D 68 1.06 -19.77 -6.29
N ASP D 69 1.69 -20.96 -6.24
CA ASP D 69 1.74 -21.76 -7.47
C ASP D 69 0.41 -22.40 -7.81
N SER D 70 -0.64 -22.13 -7.03
CA SER D 70 -1.95 -22.71 -7.32
C SER D 70 -2.97 -21.82 -6.65
N VAL D 71 -4.22 -21.94 -7.09
CA VAL D 71 -5.36 -21.32 -6.43
C VAL D 71 -6.06 -22.42 -5.65
N GLU D 72 -6.19 -22.21 -4.34
CA GLU D 72 -6.74 -23.26 -3.48
C GLU D 72 -8.20 -23.51 -3.80
N ILE D 73 -8.61 -24.77 -3.63
CA ILE D 73 -10.01 -25.11 -3.75
C ILE D 73 -10.71 -24.87 -2.42
N ARG D 74 -11.95 -24.36 -2.47
CA ARG D 74 -12.71 -24.12 -1.25
C ARG D 74 -13.21 -25.44 -0.68
N ASP D 75 -12.64 -25.86 0.45
CA ASP D 75 -12.95 -27.19 0.97
C ASP D 75 -14.41 -27.32 1.39
N GLU D 76 -15.05 -26.22 1.74
CA GLU D 76 -16.44 -26.32 2.20
C GLU D 76 -17.37 -26.80 1.08
N ASP D 77 -17.04 -26.54 -0.18
CA ASP D 77 -17.94 -26.91 -1.27
C ASP D 77 -17.95 -28.41 -1.53
N LEU D 78 -16.87 -29.11 -1.17
CA LEU D 78 -16.78 -30.54 -1.43
C LEU D 78 -17.59 -31.35 -0.42
N HIS E 5 -19.56 -3.19 16.75
CA HIS E 5 -19.78 -2.20 17.80
C HIS E 5 -19.27 -2.70 19.15
N HIS E 6 -19.84 -3.80 19.65
CA HIS E 6 -19.43 -4.39 20.94
C HIS E 6 -18.48 -5.57 20.72
N HIS E 7 -17.40 -5.35 19.97
CA HIS E 7 -16.46 -6.42 19.61
C HIS E 7 -15.06 -5.83 19.72
N ALA E 8 -14.51 -5.83 20.93
CA ALA E 8 -13.27 -5.07 21.13
C ALA E 8 -12.50 -5.61 22.33
N ARG E 9 -11.23 -5.24 22.38
CA ARG E 9 -10.33 -5.67 23.43
C ARG E 9 -9.66 -4.44 24.02
N ALA E 10 -9.25 -4.55 25.28
CA ALA E 10 -8.60 -3.44 25.93
C ALA E 10 -7.68 -3.97 27.02
N THR E 11 -6.89 -3.05 27.58
CA THR E 11 -6.06 -3.35 28.73
C THR E 11 -6.20 -2.20 29.72
N GLY E 12 -6.00 -2.51 31.00
CA GLY E 12 -6.22 -1.51 32.04
C GLY E 12 -5.81 -2.08 33.36
N LYS E 13 -5.89 -1.22 34.38
CA LYS E 13 -5.47 -1.56 35.73
C LYS E 13 -6.58 -1.22 36.72
N THR E 14 -6.53 -1.86 37.87
CA THR E 14 -7.46 -1.59 38.95
C THR E 14 -7.20 -0.21 39.55
N PHE E 15 -8.28 0.48 39.93
CA PHE E 15 -8.16 1.73 40.69
C PHE E 15 -9.19 1.74 41.83
N ARG E 16 -9.12 2.78 42.66
CA ARG E 16 -9.99 2.92 43.81
C ARG E 16 -11.00 4.05 43.56
N SER E 17 -12.28 3.73 43.74
CA SER E 17 -13.38 4.67 43.59
C SER E 17 -14.23 4.55 44.83
N GLY E 18 -14.32 5.62 45.61
CA GLY E 18 -14.92 5.52 46.93
C GLY E 18 -14.12 4.56 47.78
N ASN E 19 -14.83 3.75 48.56
CA ASN E 19 -14.20 2.67 49.33
C ASN E 19 -14.19 1.35 48.59
N SER E 20 -14.30 1.37 47.27
CA SER E 20 -14.34 0.16 46.47
C SER E 20 -13.32 0.24 45.33
N GLU E 21 -12.79 -0.92 44.98
CA GLU E 21 -11.99 -1.02 43.76
C GLU E 21 -12.91 -0.99 42.55
N ALA E 22 -12.40 -0.41 41.45
CA ALA E 22 -13.19 -0.29 40.23
C ALA E 22 -12.30 -0.54 39.02
N VAL E 23 -12.94 -0.74 37.88
CA VAL E 23 -12.27 -0.91 36.59
C VAL E 23 -13.00 -0.10 35.56
N ARG E 24 -12.25 0.62 34.73
CA ARG E 24 -12.84 1.42 33.66
C ARG E 24 -13.13 0.53 32.45
N LEU E 25 -14.22 0.87 31.76
CA LEU E 25 -14.67 0.15 30.57
C LEU E 25 -14.68 1.11 29.40
N PRO E 26 -13.70 1.05 28.50
CA PRO E 26 -13.66 1.96 27.35
C PRO E 26 -14.88 1.76 26.45
N ARG E 27 -15.03 2.69 25.50
CA ARG E 27 -16.31 2.92 24.85
C ARG E 27 -16.94 1.63 24.32
N ASP E 28 -16.21 0.92 23.46
CA ASP E 28 -16.78 -0.23 22.75
C ASP E 28 -16.96 -1.46 23.62
N LEU E 29 -16.48 -1.44 24.86
CA LEU E 29 -16.66 -2.55 25.79
C LEU E 29 -17.70 -2.28 26.86
N ALA E 30 -18.13 -1.02 27.03
CA ALA E 30 -19.09 -0.63 28.06
C ALA E 30 -20.51 -1.01 27.66
N PHE E 31 -21.39 -1.02 28.67
CA PHE E 31 -22.79 -1.42 28.51
C PHE E 31 -23.77 -0.26 28.56
N GLY E 32 -23.38 0.89 29.10
CA GLY E 32 -24.33 1.97 29.28
C GLY E 32 -24.96 1.94 30.66
N ALA E 33 -25.29 3.11 31.21
CA ALA E 33 -25.57 3.22 32.64
C ALA E 33 -26.86 2.54 33.06
N ASP E 34 -27.82 2.39 32.15
CA ASP E 34 -29.16 1.95 32.53
C ASP E 34 -29.32 0.44 32.60
N VAL E 35 -28.29 -0.33 32.26
CA VAL E 35 -28.40 -1.79 32.15
C VAL E 35 -27.89 -2.44 33.43
N GLU E 36 -28.76 -3.23 34.07
CA GLU E 36 -28.33 -4.10 35.16
C GLU E 36 -27.46 -5.22 34.63
N LEU E 37 -26.34 -5.49 35.31
CA LEU E 37 -25.38 -6.48 34.90
C LEU E 37 -25.29 -7.58 35.95
N THR E 38 -24.97 -8.78 35.48
CA THR E 38 -24.52 -9.88 36.33
C THR E 38 -23.00 -9.95 36.24
N LEU E 39 -22.34 -10.08 37.40
CA LEU E 39 -20.88 -10.16 37.47
C LEU E 39 -20.51 -11.42 38.24
N ILE E 40 -19.87 -12.38 37.55
CA ILE E 40 -19.49 -13.66 38.14
C ILE E 40 -17.98 -13.81 38.00
N ARG E 41 -17.31 -14.08 39.12
CA ARG E 41 -15.89 -14.39 39.12
C ARG E 41 -15.70 -15.90 39.27
N SER E 42 -14.91 -16.49 38.37
CA SER E 42 -14.50 -17.88 38.44
C SER E 42 -12.99 -17.90 38.46
N GLY E 43 -12.41 -18.25 39.61
CA GLY E 43 -10.98 -18.11 39.77
C GLY E 43 -10.61 -16.64 39.68
N ASP E 44 -9.77 -16.30 38.72
CA ASP E 44 -9.35 -14.92 38.47
C ASP E 44 -10.03 -14.31 37.23
N VAL E 45 -11.01 -15.00 36.64
CA VAL E 45 -11.68 -14.54 35.44
C VAL E 45 -13.05 -14.00 35.83
N LEU E 46 -13.32 -12.76 35.42
CA LEU E 46 -14.59 -12.10 35.68
C LEU E 46 -15.39 -12.05 34.38
N THR E 47 -16.62 -12.53 34.42
CA THR E 47 -17.52 -12.52 33.28
C THR E 47 -18.70 -11.60 33.57
N ILE E 48 -18.98 -10.68 32.64
CA ILE E 48 -20.02 -9.67 32.86
C ILE E 48 -20.96 -9.66 31.66
N TYR E 49 -22.26 -9.67 31.93
CA TYR E 49 -23.26 -9.64 30.88
C TYR E 49 -24.56 -9.09 31.47
N PRO E 50 -25.47 -8.60 30.63
CA PRO E 50 -26.76 -8.11 31.14
C PRO E 50 -27.53 -9.20 31.88
N SER E 51 -28.18 -8.79 32.98
CA SER E 51 -29.01 -9.73 33.75
C SER E 51 -30.31 -9.96 33.00
N LYS E 52 -30.55 -11.19 32.56
CA LYS E 52 -31.75 -11.53 31.80
C LYS E 52 -32.51 -12.66 32.44
N GLY E 53 -32.13 -13.08 33.64
CA GLY E 53 -32.74 -14.23 34.29
C GLY E 53 -31.72 -15.32 34.54
N SER E 54 -31.83 -15.98 35.68
CA SER E 54 -30.90 -17.05 36.03
C SER E 54 -31.22 -18.31 35.23
N ILE E 55 -30.30 -19.25 35.32
CA ILE E 55 -30.43 -20.53 34.64
C ILE E 55 -31.52 -21.44 35.24
N ALA E 56 -31.75 -21.36 36.56
CA ALA E 56 -32.83 -22.09 37.24
C ALA E 56 -34.11 -21.92 36.40
N ASP E 57 -34.12 -20.79 35.74
CA ASP E 57 -34.99 -20.36 34.68
C ASP E 57 -36.42 -20.04 34.63
N LEU E 58 -37.03 -20.62 33.62
CA LEU E 58 -38.35 -20.18 33.14
C LEU E 58 -39.26 -21.41 33.13
N VAL E 59 -39.78 -21.74 34.31
CA VAL E 59 -40.43 -23.01 34.59
C VAL E 59 -39.49 -24.13 34.11
N ALA E 60 -38.18 -23.85 34.16
CA ALA E 60 -37.13 -24.70 33.60
C ALA E 60 -37.59 -25.35 32.30
N THR E 61 -38.17 -24.55 31.41
CA THR E 61 -38.72 -25.00 30.13
C THR E 61 -39.64 -26.20 30.33
N LEU E 62 -40.72 -25.98 31.07
CA LEU E 62 -41.82 -26.94 31.10
C LEU E 62 -42.86 -26.57 30.05
N ASN E 63 -42.36 -26.26 28.85
CA ASN E 63 -43.21 -25.88 27.73
C ASN E 63 -44.08 -27.05 27.29
N GLN E 64 -43.43 -28.14 26.85
CA GLN E 64 -43.94 -29.23 26.01
C GLN E 64 -42.79 -29.66 25.11
N MET E 65 -42.21 -30.83 25.36
CA MET E 65 -41.01 -31.24 24.65
C MET E 65 -41.34 -31.79 23.26
N PRO E 66 -40.45 -31.59 22.28
CA PRO E 66 -40.63 -32.25 20.98
C PRO E 66 -40.62 -33.75 21.16
N ARG E 67 -41.19 -34.46 20.18
CA ARG E 67 -41.19 -35.92 20.28
C ARG E 67 -39.79 -36.50 20.11
N PRO E 68 -38.99 -36.11 19.11
CA PRO E 68 -37.68 -36.76 18.94
C PRO E 68 -36.70 -36.35 20.03
N ASP E 69 -36.03 -37.34 20.60
CA ASP E 69 -34.98 -37.16 21.59
C ASP E 69 -33.91 -36.22 21.07
N SER E 70 -34.13 -34.91 21.21
CA SER E 70 -33.24 -33.86 20.72
C SER E 70 -33.13 -33.85 19.18
N ALA F 2 -16.46 -19.11 33.91
CA ALA F 2 -17.48 -19.15 32.87
C ALA F 2 -17.42 -20.46 32.09
N TYR F 3 -18.55 -20.80 31.47
CA TYR F 3 -18.68 -22.01 30.67
C TYR F 3 -19.32 -21.69 29.33
N VAL F 4 -18.76 -22.26 28.28
CA VAL F 4 -19.35 -22.21 26.95
C VAL F 4 -19.86 -23.60 26.62
N LEU F 5 -21.15 -23.71 26.30
CA LEU F 5 -21.72 -25.00 25.92
C LEU F 5 -21.42 -25.31 24.46
N ASP F 6 -20.91 -26.51 24.19
CA ASP F 6 -20.92 -26.99 22.83
C ASP F 6 -22.37 -27.03 22.32
N THR F 7 -22.52 -27.09 21.00
CA THR F 7 -23.85 -27.00 20.41
C THR F 7 -24.73 -28.17 20.85
N ASN F 8 -24.19 -29.39 20.84
CA ASN F 8 -24.99 -30.56 21.22
C ASN F 8 -25.46 -30.48 22.66
N VAL F 9 -24.63 -29.96 23.56
CA VAL F 9 -25.07 -29.72 24.93
C VAL F 9 -26.24 -28.75 24.93
N ALA F 10 -26.12 -27.67 24.14
CA ALA F 10 -27.18 -26.67 24.07
C ALA F 10 -28.45 -27.24 23.43
N ILE F 11 -28.29 -28.06 22.39
CA ILE F 11 -29.44 -28.73 21.78
C ILE F 11 -30.13 -29.63 22.80
N HIS F 12 -29.33 -30.30 23.64
CA HIS F 12 -29.88 -31.11 24.72
C HIS F 12 -30.49 -30.26 25.81
N LEU F 13 -30.13 -28.98 25.89
CA LEU F 13 -30.84 -28.07 26.78
C LEU F 13 -32.16 -27.64 26.17
N ARG F 14 -32.15 -27.22 24.90
CA ARG F 14 -33.36 -26.84 24.16
C ARG F 14 -34.41 -27.93 24.30
N ASP F 15 -34.33 -28.94 23.44
CA ASP F 15 -35.13 -30.15 23.61
C ASP F 15 -34.80 -30.73 24.97
N GLY F 16 -35.76 -30.73 25.89
CA GLY F 16 -35.50 -30.90 27.30
C GLY F 16 -34.94 -32.24 27.73
N ASP F 17 -33.63 -32.42 27.58
CA ASP F 17 -32.98 -33.63 28.08
C ASP F 17 -32.75 -33.49 29.58
N PRO F 18 -33.25 -34.42 30.39
CA PRO F 18 -33.14 -34.25 31.86
C PRO F 18 -31.73 -34.43 32.39
N GLU F 19 -30.95 -35.36 31.84
CA GLU F 19 -29.64 -35.63 32.41
C GLU F 19 -28.62 -34.53 32.10
N VAL F 20 -28.96 -33.59 31.24
CA VAL F 20 -28.11 -32.43 30.99
C VAL F 20 -28.64 -31.20 31.73
N THR F 21 -29.96 -31.01 31.73
CA THR F 21 -30.55 -29.86 32.40
C THR F 21 -30.11 -29.80 33.87
N THR F 22 -30.16 -30.92 34.57
CA THR F 22 -29.67 -30.94 35.94
C THR F 22 -28.18 -30.67 35.99
N ARG F 23 -27.40 -31.27 35.10
CA ARG F 23 -25.96 -30.99 35.13
C ARG F 23 -25.67 -29.53 34.84
N VAL F 24 -26.48 -28.87 34.01
CA VAL F 24 -26.24 -27.47 33.69
C VAL F 24 -26.55 -26.57 34.89
N THR F 25 -27.60 -26.89 35.66
CA THR F 25 -27.91 -26.04 36.80
C THR F 25 -26.89 -26.20 37.93
N ALA F 26 -26.31 -27.40 38.06
CA ALA F 26 -25.22 -27.60 39.01
C ALA F 26 -24.03 -26.70 38.74
N LEU F 27 -23.87 -26.22 37.51
CA LEU F 27 -22.78 -25.30 37.20
C LEU F 27 -22.88 -24.05 38.06
N ASN F 28 -21.74 -23.70 38.70
CA ASN F 28 -21.63 -22.50 39.52
C ASN F 28 -20.87 -21.38 38.80
N GLY F 29 -20.91 -21.38 37.47
CA GLY F 29 -20.31 -20.31 36.70
C GLY F 29 -21.31 -19.79 35.67
N ALA F 30 -20.94 -18.68 35.04
CA ALA F 30 -21.78 -18.14 34.00
C ALA F 30 -21.84 -19.10 32.81
N ILE F 31 -23.01 -19.19 32.19
CA ILE F 31 -23.26 -20.12 31.09
C ILE F 31 -23.47 -19.31 29.82
N LEU F 32 -22.50 -19.39 28.92
CA LEU F 32 -22.44 -18.58 27.72
C LEU F 32 -22.81 -19.43 26.51
N LEU F 33 -23.59 -18.84 25.59
CA LEU F 33 -23.95 -19.46 24.33
C LEU F 33 -23.23 -18.77 23.18
N SER F 34 -22.59 -19.56 22.33
CA SER F 34 -21.98 -19.03 21.12
C SER F 34 -23.03 -18.64 20.09
N ILE F 35 -22.81 -17.51 19.41
CA ILE F 35 -23.69 -17.12 18.32
C ILE F 35 -23.74 -18.21 17.26
N ILE F 36 -22.64 -18.96 17.12
CA ILE F 36 -22.55 -20.03 16.15
C ILE F 36 -23.49 -21.16 16.53
N SER F 37 -23.53 -21.51 17.82
CA SER F 37 -24.51 -22.50 18.28
C SER F 37 -25.92 -21.99 18.04
N ARG F 38 -26.15 -20.69 18.20
CA ARG F 38 -27.48 -20.17 17.96
C ARG F 38 -27.90 -20.37 16.51
N VAL F 39 -26.96 -20.17 15.57
CA VAL F 39 -27.24 -20.42 14.16
C VAL F 39 -27.64 -21.87 13.94
N GLU F 40 -26.88 -22.81 14.51
CA GLU F 40 -27.23 -24.21 14.35
C GLU F 40 -28.57 -24.52 15.01
N LEU F 41 -28.84 -23.89 16.16
CA LEU F 41 -30.10 -24.11 16.86
C LEU F 41 -31.27 -23.57 16.04
N GLU F 42 -31.12 -22.38 15.47
CA GLU F 42 -32.19 -21.79 14.67
C GLU F 42 -32.54 -22.68 13.49
N GLY F 43 -31.52 -23.21 12.81
CA GLY F 43 -31.78 -24.12 11.71
C GLY F 43 -32.50 -25.39 12.17
N GLY F 44 -32.16 -25.89 13.36
CA GLY F 44 -32.80 -27.08 13.87
C GLY F 44 -34.28 -26.89 14.16
N VAL F 45 -34.69 -25.66 14.47
CA VAL F 45 -36.12 -25.41 14.70
C VAL F 45 -36.93 -25.87 13.50
N TYR F 46 -36.43 -25.63 12.29
CA TYR F 46 -37.19 -25.86 11.07
C TYR F 46 -36.74 -27.10 10.32
N ARG F 47 -36.05 -28.03 11.00
CA ARG F 47 -35.69 -29.29 10.36
C ARG F 47 -36.92 -30.14 10.06
N GLU F 48 -37.72 -30.45 11.09
CA GLU F 48 -38.97 -31.16 10.93
C GLU F 48 -40.12 -30.24 11.33
N ALA F 49 -41.07 -30.06 10.40
CA ALA F 49 -42.07 -29.01 10.55
C ALA F 49 -42.99 -29.24 11.75
N ALA F 50 -43.17 -30.49 12.20
CA ALA F 50 -44.12 -30.74 13.27
C ALA F 50 -43.57 -30.29 14.63
N GLN F 51 -42.27 -30.47 14.86
CA GLN F 51 -41.69 -30.04 16.12
C GLN F 51 -41.32 -28.57 16.11
N ALA F 52 -41.51 -27.87 14.97
CA ALA F 52 -41.00 -26.51 14.82
C ALA F 52 -41.64 -25.56 15.81
N GLY F 53 -42.96 -25.65 15.99
CA GLY F 53 -43.62 -24.80 16.97
C GLY F 53 -43.01 -24.92 18.35
N LEU F 54 -42.82 -26.16 18.82
CA LEU F 54 -42.23 -26.37 20.13
C LEU F 54 -40.79 -25.90 20.16
N ARG F 55 -39.99 -26.35 19.20
CA ARG F 55 -38.57 -25.98 19.21
C ARG F 55 -38.40 -24.47 19.06
N ARG F 56 -39.23 -23.82 18.25
CA ARG F 56 -39.20 -22.36 18.21
C ARG F 56 -39.45 -21.77 19.60
N SER F 57 -40.42 -22.30 20.33
CA SER F 57 -40.77 -21.74 21.63
C SER F 57 -39.69 -22.01 22.67
N ARG F 58 -39.10 -23.20 22.66
CA ARG F 58 -38.14 -23.53 23.69
C ARG F 58 -36.79 -22.86 23.42
N LEU F 59 -36.44 -22.66 22.15
CA LEU F 59 -35.24 -21.90 21.82
C LEU F 59 -35.43 -20.43 22.18
N ASP F 60 -36.60 -19.86 21.89
CA ASP F 60 -36.82 -18.43 22.16
C ASP F 60 -36.70 -18.12 23.64
N VAL F 61 -37.04 -19.09 24.49
CA VAL F 61 -36.87 -18.91 25.91
C VAL F 61 -35.38 -18.92 26.27
N MET F 62 -34.62 -19.86 25.71
CA MET F 62 -33.18 -19.90 25.97
C MET F 62 -32.50 -18.59 25.56
N LEU F 63 -32.91 -18.03 24.44
CA LEU F 63 -32.29 -16.80 23.93
C LEU F 63 -32.75 -15.56 24.69
N LYS F 64 -33.87 -15.66 25.41
CA LYS F 64 -34.27 -14.58 26.32
C LYS F 64 -33.30 -14.48 27.49
N VAL F 65 -32.71 -15.60 27.92
CA VAL F 65 -31.94 -15.67 29.16
C VAL F 65 -30.43 -15.71 28.90
N LEU F 66 -29.99 -16.55 27.99
CA LEU F 66 -28.57 -16.83 27.90
C LEU F 66 -27.83 -15.64 27.28
N PRO F 67 -26.62 -15.34 27.76
CA PRO F 67 -25.79 -14.35 27.09
C PRO F 67 -25.06 -14.98 25.91
N VAL F 68 -24.97 -14.24 24.82
CA VAL F 68 -24.45 -14.79 23.57
C VAL F 68 -23.08 -14.20 23.29
N LEU F 69 -22.12 -15.07 22.95
CA LEU F 69 -20.77 -14.68 22.54
C LEU F 69 -20.76 -14.52 21.03
N ASP F 70 -20.51 -13.32 20.55
CA ASP F 70 -20.41 -13.16 19.11
C ASP F 70 -19.06 -13.67 18.64
N PHE F 71 -18.97 -13.92 17.32
CA PHE F 71 -17.72 -14.42 16.74
C PHE F 71 -17.00 -13.22 16.12
N ASP F 72 -15.93 -12.78 16.76
CA ASP F 72 -15.24 -11.55 16.41
C ASP F 72 -13.76 -11.82 16.12
N GLY F 73 -12.99 -10.74 15.98
CA GLY F 73 -11.63 -10.89 15.49
C GLY F 73 -10.76 -11.70 16.43
N ALA F 74 -10.99 -11.53 17.74
CA ALA F 74 -10.24 -12.27 18.75
C ALA F 74 -10.51 -13.78 18.67
N ALA F 75 -11.74 -14.18 18.40
CA ALA F 75 -12.01 -15.61 18.23
C ALA F 75 -11.39 -16.14 16.94
N ALA F 76 -11.44 -15.35 15.87
CA ALA F 76 -10.78 -15.74 14.62
C ALA F 76 -9.28 -15.82 14.81
N ASP F 77 -8.70 -14.93 15.62
CA ASP F 77 -7.29 -15.03 15.93
C ASP F 77 -6.99 -16.37 16.59
N GLU F 78 -7.81 -16.73 17.59
CA GLU F 78 -7.61 -18.03 18.24
C GLU F 78 -7.80 -19.18 17.26
N TYR F 79 -8.81 -19.10 16.38
CA TYR F 79 -9.00 -20.17 15.42
C TYR F 79 -7.74 -20.36 14.58
N ARG F 80 -7.14 -19.27 14.15
CA ARG F 80 -5.89 -19.34 13.41
C ARG F 80 -4.83 -20.08 14.22
N ARG F 81 -4.72 -19.77 15.51
CA ARG F 81 -3.71 -20.43 16.32
C ARG F 81 -3.99 -21.93 16.44
N ILE F 82 -5.26 -22.32 16.43
CA ILE F 82 -5.58 -23.74 16.47
C ILE F 82 -5.05 -24.44 15.23
N VAL F 83 -5.29 -23.84 14.06
CA VAL F 83 -4.85 -24.48 12.82
C VAL F 83 -3.33 -24.50 12.73
N GLU F 84 -2.65 -23.47 13.25
CA GLU F 84 -1.20 -23.46 13.19
C GLU F 84 -0.60 -24.59 14.01
N SER F 85 -1.22 -24.94 15.13
CA SER F 85 -0.73 -26.01 15.98
C SER F 85 -1.25 -27.38 15.59
N ALA F 86 -2.54 -27.47 15.26
CA ALA F 86 -3.16 -28.77 15.09
C ALA F 86 -3.32 -29.16 13.62
N GLY F 87 -3.22 -28.22 12.71
CA GLY F 87 -3.52 -28.55 11.34
C GLY F 87 -4.99 -28.33 11.02
N TYR F 88 -5.25 -27.99 9.76
CA TYR F 88 -6.62 -27.79 9.31
C TYR F 88 -7.38 -29.10 9.39
N SER F 89 -8.63 -29.02 9.87
CA SER F 89 -9.54 -30.16 9.87
C SER F 89 -10.91 -29.67 9.41
N ARG F 90 -11.37 -30.19 8.26
CA ARG F 90 -12.67 -29.76 7.74
C ARG F 90 -13.79 -30.13 8.69
N ARG F 91 -13.78 -31.37 9.19
CA ARG F 91 -14.85 -31.84 10.07
C ARG F 91 -14.96 -30.97 11.33
N LYS F 92 -13.83 -30.47 11.85
CA LYS F 92 -13.84 -29.81 13.14
C LYS F 92 -13.81 -28.28 13.04
N VAL F 93 -14.13 -27.72 11.87
CA VAL F 93 -14.04 -26.26 11.73
C VAL F 93 -15.00 -25.57 12.70
N VAL F 94 -16.29 -25.94 12.66
CA VAL F 94 -17.28 -25.22 13.46
C VAL F 94 -17.05 -25.45 14.96
N ASP F 95 -16.75 -26.69 15.34
CA ASP F 95 -16.37 -26.98 16.73
C ASP F 95 -15.17 -26.14 17.18
N ARG F 96 -14.15 -26.01 16.33
CA ARG F 96 -13.01 -25.19 16.71
C ARG F 96 -13.39 -23.71 16.81
N MET F 97 -14.31 -23.25 15.97
CA MET F 97 -14.74 -21.86 16.09
C MET F 97 -15.32 -21.59 17.48
N ILE F 98 -16.10 -22.52 18.01
CA ILE F 98 -16.73 -22.29 19.31
C ILE F 98 -15.69 -22.43 20.41
N ALA F 99 -14.81 -23.43 20.30
CA ALA F 99 -13.77 -23.58 21.31
C ALA F 99 -12.84 -22.37 21.33
N ALA F 100 -12.59 -21.79 20.15
CA ALA F 100 -11.78 -20.58 20.07
C ALA F 100 -12.42 -19.43 20.83
N GLN F 101 -13.75 -19.36 20.83
CA GLN F 101 -14.45 -18.35 21.63
C GLN F 101 -14.22 -18.59 23.12
N ALA F 102 -14.39 -19.84 23.55
CA ALA F 102 -14.11 -20.19 24.93
C ALA F 102 -12.69 -19.78 25.34
N LEU F 103 -11.71 -20.05 24.46
CA LEU F 103 -10.32 -19.68 24.74
C LEU F 103 -10.15 -18.17 24.88
N ALA F 104 -10.71 -17.41 23.93
CA ALA F 104 -10.60 -15.95 23.98
C ALA F 104 -11.19 -15.39 25.28
N HIS F 105 -12.26 -15.98 25.79
CA HIS F 105 -12.88 -15.52 27.00
C HIS F 105 -12.49 -16.34 28.23
N ARG F 106 -11.43 -17.13 28.11
CA ARG F 106 -10.85 -17.86 29.23
C ARG F 106 -11.88 -18.72 29.95
N ALA F 107 -12.76 -19.35 29.17
CA ALA F 107 -13.89 -20.10 29.68
C ALA F 107 -13.71 -21.58 29.42
N THR F 108 -14.33 -22.40 30.26
CA THR F 108 -14.28 -23.85 30.08
C THR F 108 -15.28 -24.23 29.01
N PHE F 109 -14.85 -25.05 28.06
CA PHE F 109 -15.71 -25.58 27.02
C PHE F 109 -16.38 -26.85 27.53
N VAL F 110 -17.71 -26.95 27.38
CA VAL F 110 -18.47 -28.11 27.88
C VAL F 110 -19.00 -28.88 26.68
N THR F 111 -18.69 -30.17 26.61
CA THR F 111 -18.95 -30.92 25.39
C THR F 111 -19.17 -32.39 25.70
N PHE F 112 -19.91 -33.07 24.82
CA PHE F 112 -20.02 -34.52 24.84
C PHE F 112 -18.91 -35.19 24.05
N ASN F 113 -18.04 -34.40 23.43
CA ASN F 113 -17.12 -34.85 22.40
C ASN F 113 -15.71 -34.33 22.69
N ALA F 114 -15.25 -34.55 23.92
CA ALA F 114 -14.02 -33.89 24.36
C ALA F 114 -12.82 -34.34 23.56
N ASP F 115 -12.76 -35.62 23.19
CA ASP F 115 -11.64 -36.15 22.42
C ASP F 115 -11.37 -35.33 21.17
N ASP F 116 -12.41 -34.79 20.55
CA ASP F 116 -12.21 -33.99 19.36
C ASP F 116 -11.52 -32.67 19.65
N PHE F 117 -11.30 -32.33 20.92
CA PHE F 117 -10.84 -31.00 21.30
C PHE F 117 -9.50 -31.01 22.03
N ARG F 118 -8.91 -32.18 22.27
CA ARG F 118 -7.64 -32.28 22.97
C ARG F 118 -6.43 -31.89 22.13
N ASP F 119 -6.61 -31.45 20.89
CA ASP F 119 -5.51 -30.91 20.10
C ASP F 119 -5.46 -29.38 20.14
N ILE F 120 -6.17 -28.75 21.07
CA ILE F 120 -6.23 -27.29 21.11
C ILE F 120 -5.43 -26.79 22.32
N PRO F 121 -4.22 -26.29 22.09
CA PRO F 121 -3.40 -25.79 23.22
C PRO F 121 -4.15 -24.77 24.06
N GLY F 122 -4.11 -24.98 25.37
CA GLY F 122 -4.61 -24.04 26.35
C GLY F 122 -6.09 -24.16 26.70
N LEU F 123 -6.84 -25.01 26.02
CA LEU F 123 -8.28 -25.10 26.20
C LEU F 123 -8.64 -25.85 27.47
N SER F 124 -9.49 -25.24 28.28
CA SER F 124 -10.09 -25.93 29.41
C SER F 124 -11.36 -26.63 28.96
N LEU F 125 -11.45 -27.94 29.24
CA LEU F 125 -12.52 -28.80 28.76
C LEU F 125 -13.24 -29.44 29.93
N LEU F 126 -14.57 -29.56 29.80
CA LEU F 126 -15.40 -30.38 30.68
C LEU F 126 -16.12 -31.38 29.78
N ALA F 127 -15.75 -32.66 29.89
CA ALA F 127 -16.39 -33.72 29.13
C ALA F 127 -17.58 -34.25 29.91
N TRP F 128 -18.72 -34.32 29.25
CA TRP F 128 -19.95 -34.77 29.89
C TRP F 128 -20.39 -36.14 29.37
N ALA G 2 -21.74 -0.99 -0.53
CA ALA G 2 -20.70 -1.95 -0.18
C ALA G 2 -20.91 -3.31 -0.85
N TYR G 3 -19.81 -4.03 -1.05
CA TYR G 3 -19.81 -5.40 -1.53
C TYR G 3 -19.28 -6.33 -0.45
N VAL G 4 -19.83 -7.53 -0.40
CA VAL G 4 -19.24 -8.61 0.37
C VAL G 4 -18.74 -9.66 -0.61
N LEU G 5 -17.49 -10.06 -0.46
CA LEU G 5 -16.91 -11.08 -1.34
C LEU G 5 -17.18 -12.47 -0.79
N ASP G 6 -17.79 -13.32 -1.59
CA ASP G 6 -17.93 -14.74 -1.27
C ASP G 6 -16.56 -15.38 -1.02
N THR G 7 -16.54 -16.47 -0.23
CA THR G 7 -15.24 -17.05 0.16
C THR G 7 -14.39 -17.41 -1.04
N ASN G 8 -14.98 -18.05 -2.06
CA ASN G 8 -14.17 -18.47 -3.21
C ASN G 8 -13.59 -17.28 -3.96
N VAL G 9 -14.34 -16.19 -4.05
CA VAL G 9 -13.80 -14.97 -4.66
C VAL G 9 -12.61 -14.46 -3.83
N ALA G 10 -12.76 -14.44 -2.51
CA ALA G 10 -11.65 -14.00 -1.65
C ALA G 10 -10.48 -14.98 -1.72
N ILE G 11 -10.74 -16.28 -1.90
CA ILE G 11 -9.64 -17.21 -2.10
C ILE G 11 -8.88 -16.84 -3.37
N HIS G 12 -9.63 -16.58 -4.45
CA HIS G 12 -9.00 -16.28 -5.73
C HIS G 12 -8.24 -14.97 -5.67
N LEU G 13 -8.72 -14.00 -4.87
CA LEU G 13 -7.96 -12.77 -4.66
C LEU G 13 -6.67 -13.05 -3.88
N ARG G 14 -6.77 -13.73 -2.74
CA ARG G 14 -5.58 -14.08 -1.97
C ARG G 14 -4.55 -14.81 -2.83
N ASP G 15 -4.99 -15.75 -3.67
CA ASP G 15 -4.06 -16.55 -4.46
C ASP G 15 -3.75 -15.97 -5.83
N GLY G 16 -4.19 -14.73 -6.10
CA GLY G 16 -3.71 -14.01 -7.26
C GLY G 16 -4.33 -14.36 -8.59
N ASP G 17 -5.58 -14.84 -8.59
CA ASP G 17 -6.31 -15.11 -9.83
C ASP G 17 -6.51 -13.82 -10.62
N PRO G 18 -5.88 -13.67 -11.79
CA PRO G 18 -6.01 -12.43 -12.57
C PRO G 18 -7.43 -12.09 -12.95
N GLU G 19 -8.30 -13.10 -13.08
CA GLU G 19 -9.69 -12.85 -13.42
C GLU G 19 -10.43 -12.16 -12.28
N VAL G 20 -10.06 -12.46 -11.04
CA VAL G 20 -10.67 -11.79 -9.90
C VAL G 20 -9.96 -10.48 -9.57
N THR G 21 -8.63 -10.44 -9.64
CA THR G 21 -7.94 -9.22 -9.25
C THR G 21 -8.33 -8.05 -10.16
N THR G 22 -8.39 -8.29 -11.47
CA THR G 22 -8.87 -7.25 -12.40
C THR G 22 -10.29 -6.81 -12.06
N ARG G 23 -11.16 -7.73 -11.63
CA ARG G 23 -12.56 -7.37 -11.47
C ARG G 23 -12.81 -6.59 -10.20
N VAL G 24 -12.08 -6.94 -9.13
CA VAL G 24 -12.31 -6.34 -7.82
C VAL G 24 -11.90 -4.88 -7.80
N THR G 25 -10.86 -4.51 -8.57
CA THR G 25 -10.43 -3.11 -8.61
C THR G 25 -11.49 -2.19 -9.22
N ALA G 26 -12.32 -2.69 -10.12
CA ALA G 26 -13.38 -1.85 -10.67
C ALA G 26 -14.54 -1.65 -9.70
N LEU G 27 -14.55 -2.35 -8.56
CA LEU G 27 -15.66 -2.19 -7.61
C LEU G 27 -15.54 -0.86 -6.87
N ASN G 28 -16.68 -0.18 -6.70
CA ASN G 28 -16.71 1.09 -5.98
C ASN G 28 -17.22 0.90 -4.56
N GLY G 29 -16.67 1.69 -3.65
CA GLY G 29 -17.13 1.66 -2.29
C GLY G 29 -16.52 0.52 -1.50
N ALA G 30 -17.14 0.27 -0.35
CA ALA G 30 -16.56 -0.65 0.62
C ALA G 30 -16.59 -2.08 0.08
N ILE G 31 -15.45 -2.75 0.19
CA ILE G 31 -15.32 -4.18 -0.07
C ILE G 31 -15.08 -4.85 1.29
N LEU G 32 -15.97 -5.78 1.66
CA LEU G 32 -15.93 -6.39 2.98
C LEU G 32 -15.84 -7.91 2.89
N LEU G 33 -15.30 -8.52 3.94
CA LEU G 33 -15.28 -9.97 4.08
C LEU G 33 -16.14 -10.38 5.26
N SER G 34 -16.80 -11.51 5.14
CA SER G 34 -17.47 -12.10 6.29
C SER G 34 -16.44 -12.77 7.18
N ILE G 35 -16.62 -12.69 8.49
CA ILE G 35 -15.64 -13.34 9.33
C ILE G 35 -15.69 -14.85 9.15
N ILE G 36 -16.81 -15.40 8.65
CA ILE G 36 -16.84 -16.80 8.29
C ILE G 36 -15.82 -17.08 7.16
N SER G 37 -15.80 -16.20 6.15
CA SER G 37 -14.79 -16.32 5.10
C SER G 37 -13.38 -16.20 5.68
N ARG G 38 -13.16 -15.29 6.65
CA ARG G 38 -11.85 -15.25 7.29
C ARG G 38 -11.49 -16.62 7.88
N VAL G 39 -12.43 -17.25 8.56
CA VAL G 39 -12.09 -18.56 9.14
C VAL G 39 -11.62 -19.53 8.04
N GLU G 40 -12.35 -19.57 6.93
CA GLU G 40 -12.00 -20.50 5.85
C GLU G 40 -10.64 -20.15 5.26
N LEU G 41 -10.39 -18.86 5.07
CA LEU G 41 -9.12 -18.37 4.54
C LEU G 41 -7.96 -18.70 5.47
N GLU G 42 -8.14 -18.57 6.79
CA GLU G 42 -7.04 -18.91 7.70
C GLU G 42 -6.72 -20.40 7.59
N GLY G 43 -7.76 -21.23 7.44
CA GLY G 43 -7.54 -22.67 7.40
C GLY G 43 -6.75 -23.12 6.18
N GLY G 44 -6.79 -22.35 5.08
CA GLY G 44 -6.07 -22.70 3.86
C GLY G 44 -4.61 -22.25 3.79
N VAL G 45 -4.14 -21.45 4.76
CA VAL G 45 -2.80 -20.86 4.65
C VAL G 45 -1.72 -21.94 4.67
N TYR G 46 -1.85 -22.93 5.55
CA TYR G 46 -0.79 -23.92 5.72
C TYR G 46 -1.04 -25.23 4.97
N ARG G 47 -2.07 -25.31 4.12
CA ARG G 47 -2.43 -26.61 3.55
C ARG G 47 -1.43 -27.08 2.51
N GLU G 48 -0.81 -26.17 1.78
CA GLU G 48 0.31 -26.48 0.90
C GLU G 48 1.54 -25.87 1.55
N ALA G 49 2.32 -26.70 2.24
CA ALA G 49 3.32 -26.17 3.17
C ALA G 49 4.32 -25.27 2.47
N ALA G 50 4.81 -25.70 1.29
CA ALA G 50 5.77 -24.90 0.51
C ALA G 50 5.25 -23.51 0.18
N GLN G 51 3.94 -23.28 0.21
CA GLN G 51 3.35 -21.97 -0.11
C GLN G 51 2.81 -21.24 1.12
N ALA G 52 3.03 -21.78 2.33
CA ALA G 52 2.44 -21.19 3.54
C ALA G 52 2.90 -19.76 3.76
N GLY G 53 4.20 -19.49 3.57
CA GLY G 53 4.70 -18.15 3.80
C GLY G 53 4.06 -17.14 2.87
N LEU G 54 3.88 -17.52 1.60
CA LEU G 54 3.26 -16.64 0.62
C LEU G 54 1.79 -16.39 0.95
N ARG G 55 1.06 -17.46 1.28
CA ARG G 55 -0.36 -17.30 1.55
C ARG G 55 -0.59 -16.52 2.84
N ARG G 56 0.29 -16.72 3.82
CA ARG G 56 0.22 -15.94 5.07
C ARG G 56 0.37 -14.45 4.79
N SER G 57 1.40 -14.12 4.00
CA SER G 57 1.69 -12.73 3.68
C SER G 57 0.54 -12.10 2.91
N ARG G 58 0.01 -12.84 1.95
CA ARG G 58 -1.04 -12.33 1.10
C ARG G 58 -2.36 -12.19 1.86
N LEU G 59 -2.67 -13.16 2.72
CA LEU G 59 -3.86 -13.00 3.56
C LEU G 59 -3.70 -11.83 4.52
N ASP G 60 -2.51 -11.67 5.11
CA ASP G 60 -2.30 -10.58 6.06
C ASP G 60 -2.49 -9.22 5.37
N VAL G 61 -2.05 -9.10 4.12
CA VAL G 61 -2.22 -7.82 3.41
C VAL G 61 -3.71 -7.56 3.16
N MET G 62 -4.46 -8.60 2.77
CA MET G 62 -5.90 -8.43 2.58
C MET G 62 -6.59 -8.01 3.86
N LEU G 63 -6.23 -8.66 4.97
CA LEU G 63 -6.88 -8.34 6.23
C LEU G 63 -6.45 -6.97 6.78
N LYS G 64 -5.38 -6.38 6.26
CA LYS G 64 -5.09 -5.02 6.67
C LYS G 64 -6.04 -4.02 6.00
N VAL G 65 -6.59 -4.36 4.84
CA VAL G 65 -7.37 -3.42 4.05
C VAL G 65 -8.86 -3.70 4.14
N LEU G 66 -9.26 -4.96 3.99
CA LEU G 66 -10.68 -5.31 3.93
C LEU G 66 -11.26 -5.45 5.33
N PRO G 67 -12.23 -4.63 5.71
CA PRO G 67 -12.91 -4.85 6.98
C PRO G 67 -13.57 -6.22 6.99
N VAL G 68 -13.52 -6.88 8.14
CA VAL G 68 -14.08 -8.21 8.35
C VAL G 68 -15.25 -8.08 9.31
N LEU G 69 -16.40 -8.63 8.92
CA LEU G 69 -17.64 -8.41 9.64
C LEU G 69 -17.81 -9.48 10.71
N ASP G 70 -17.84 -9.07 11.97
CA ASP G 70 -18.04 -10.04 13.05
C ASP G 70 -19.44 -10.61 12.96
N PHE G 71 -19.58 -11.85 13.41
CA PHE G 71 -20.86 -12.54 13.31
C PHE G 71 -21.60 -12.32 14.62
N ASP G 72 -22.72 -11.60 14.54
CA ASP G 72 -23.42 -11.08 15.71
C ASP G 72 -24.91 -11.41 15.66
N GLY G 73 -25.69 -10.80 16.57
CA GLY G 73 -27.11 -11.12 16.65
C GLY G 73 -27.87 -10.78 15.38
N ALA G 74 -27.51 -9.67 14.72
CA ALA G 74 -28.18 -9.27 13.50
C ALA G 74 -27.93 -10.26 12.38
N ALA G 75 -26.70 -10.79 12.27
CA ALA G 75 -26.48 -11.78 11.24
C ALA G 75 -27.27 -13.04 11.52
N ALA G 76 -27.40 -13.41 12.79
CA ALA G 76 -28.15 -14.62 13.10
C ALA G 76 -29.64 -14.42 12.82
N ASP G 77 -30.19 -13.26 13.17
CA ASP G 77 -31.56 -12.93 12.79
C ASP G 77 -31.78 -13.13 11.30
N GLU G 78 -30.83 -12.63 10.49
CA GLU G 78 -30.91 -12.80 9.04
C GLU G 78 -30.86 -14.26 8.66
N TYR G 79 -29.99 -15.04 9.31
CA TYR G 79 -29.95 -16.47 9.05
C TYR G 79 -31.30 -17.11 9.32
N ARG G 80 -31.94 -16.72 10.44
CA ARG G 80 -33.26 -17.26 10.76
C ARG G 80 -34.26 -16.94 9.67
N ARG G 81 -34.24 -15.71 9.13
CA ARG G 81 -35.18 -15.38 8.07
C ARG G 81 -34.95 -16.22 6.82
N ILE G 82 -33.69 -16.57 6.54
CA ILE G 82 -33.40 -17.35 5.34
C ILE G 82 -33.97 -18.76 5.47
N VAL G 83 -33.82 -19.39 6.64
CA VAL G 83 -34.34 -20.74 6.77
C VAL G 83 -35.87 -20.74 6.81
N GLU G 84 -36.46 -19.71 7.43
CA GLU G 84 -37.92 -19.62 7.42
C GLU G 84 -38.45 -19.51 6.00
N SER G 85 -37.80 -18.72 5.16
CA SER G 85 -38.27 -18.54 3.79
C SER G 85 -37.94 -19.74 2.91
N ALA G 86 -36.77 -20.34 3.09
CA ALA G 86 -36.28 -21.37 2.17
C ALA G 86 -36.27 -22.78 2.76
N GLY G 87 -36.48 -22.93 4.06
CA GLY G 87 -36.31 -24.23 4.68
C GLY G 87 -34.86 -24.52 5.05
N TYR G 88 -34.65 -25.39 6.03
CA TYR G 88 -33.31 -25.73 6.50
C TYR G 88 -32.57 -26.58 5.46
N SER G 89 -31.25 -26.37 5.39
CA SER G 89 -30.40 -27.21 4.55
C SER G 89 -29.03 -27.29 5.22
N ARG G 90 -28.63 -28.50 5.63
CA ARG G 90 -27.36 -28.66 6.33
C ARG G 90 -26.19 -28.20 5.47
N ARG G 91 -26.21 -28.59 4.18
CA ARG G 91 -25.10 -28.28 3.31
C ARG G 91 -24.94 -26.78 3.07
N LYS G 92 -25.96 -25.97 3.32
CA LYS G 92 -25.91 -24.55 2.99
C LYS G 92 -25.75 -23.65 4.21
N VAL G 93 -25.54 -24.21 5.40
CA VAL G 93 -25.46 -23.39 6.61
C VAL G 93 -24.34 -22.35 6.50
N VAL G 94 -23.12 -22.79 6.17
CA VAL G 94 -21.99 -21.88 6.08
C VAL G 94 -22.25 -20.79 5.05
N ASP G 95 -22.61 -21.21 3.82
CA ASP G 95 -22.97 -20.24 2.78
C ASP G 95 -24.02 -19.27 3.24
N ARG G 96 -25.05 -19.75 3.95
CA ARG G 96 -26.11 -18.86 4.39
C ARG G 96 -25.65 -17.94 5.52
N MET G 97 -24.70 -18.38 6.36
CA MET G 97 -24.12 -17.47 7.35
C MET G 97 -23.40 -16.30 6.68
N ILE G 98 -22.67 -16.58 5.60
CA ILE G 98 -21.96 -15.54 4.88
C ILE G 98 -22.95 -14.62 4.18
N ALA G 99 -23.97 -15.19 3.53
CA ALA G 99 -25.00 -14.36 2.90
C ALA G 99 -25.78 -13.56 3.93
N ALA G 100 -26.04 -14.14 5.11
CA ALA G 100 -26.75 -13.39 6.15
C ALA G 100 -26.00 -12.13 6.53
N GLN G 101 -24.66 -12.18 6.57
CA GLN G 101 -23.92 -10.98 6.92
C GLN G 101 -23.98 -9.93 5.81
N ALA G 102 -24.06 -10.37 4.54
CA ALA G 102 -24.30 -9.43 3.44
C ALA G 102 -25.66 -8.76 3.56
N LEU G 103 -26.70 -9.55 3.89
CA LEU G 103 -28.03 -8.99 4.14
C LEU G 103 -28.00 -7.99 5.29
N ALA G 104 -27.36 -8.36 6.40
CA ALA G 104 -27.35 -7.50 7.56
C ALA G 104 -26.70 -6.14 7.29
N HIS G 105 -25.79 -6.04 6.32
CA HIS G 105 -25.16 -4.77 5.96
C HIS G 105 -25.65 -4.20 4.62
N ARG G 106 -26.80 -4.67 4.11
CA ARG G 106 -27.37 -4.14 2.86
C ARG G 106 -26.33 -4.12 1.73
N ALA G 107 -25.53 -5.18 1.65
CA ALA G 107 -24.39 -5.24 0.74
C ALA G 107 -24.66 -6.17 -0.43
N THR G 108 -24.09 -5.83 -1.58
CA THR G 108 -24.14 -6.71 -2.73
C THR G 108 -23.15 -7.86 -2.55
N PHE G 109 -23.66 -9.09 -2.67
CA PHE G 109 -22.84 -10.28 -2.50
C PHE G 109 -22.20 -10.66 -3.84
N VAL G 110 -20.87 -10.69 -3.89
CA VAL G 110 -20.14 -11.01 -5.11
C VAL G 110 -19.79 -12.50 -5.07
N THR G 111 -20.25 -13.25 -6.08
CA THR G 111 -20.11 -14.70 -6.01
C THR G 111 -19.91 -15.32 -7.39
N PHE G 112 -19.17 -16.45 -7.41
CA PHE G 112 -19.02 -17.27 -8.60
C PHE G 112 -20.25 -18.10 -8.91
N ASN G 113 -21.13 -18.32 -7.93
CA ASN G 113 -22.26 -19.23 -8.07
C ASN G 113 -23.53 -18.52 -7.64
N ALA G 114 -23.92 -17.49 -8.40
CA ALA G 114 -25.15 -16.77 -8.08
C ALA G 114 -26.38 -17.67 -8.13
N ASP G 115 -26.40 -18.70 -9.00
CA ASP G 115 -27.55 -19.59 -9.05
C ASP G 115 -27.86 -20.25 -7.70
N ASP G 116 -26.87 -20.40 -6.83
CA ASP G 116 -27.06 -21.05 -5.54
C ASP G 116 -27.58 -20.11 -4.45
N PHE G 117 -27.80 -18.82 -4.77
CA PHE G 117 -28.26 -17.86 -3.77
C PHE G 117 -29.57 -17.20 -4.16
N ARG G 118 -30.31 -17.80 -5.08
CA ARG G 118 -31.55 -17.17 -5.52
C ARG G 118 -32.72 -17.41 -4.57
N ASP G 119 -32.54 -18.21 -3.52
CA ASP G 119 -33.58 -18.47 -2.53
C ASP G 119 -33.49 -17.56 -1.30
N ILE G 120 -32.62 -16.57 -1.30
CA ILE G 120 -32.45 -15.66 -0.16
C ILE G 120 -33.16 -14.35 -0.49
N PRO G 121 -34.27 -14.04 0.16
CA PRO G 121 -35.05 -12.85 -0.24
C PRO G 121 -34.33 -11.58 0.15
N GLY G 122 -34.38 -10.59 -0.74
CA GLY G 122 -33.74 -9.31 -0.52
C GLY G 122 -32.23 -9.31 -0.71
N LEU G 123 -31.63 -10.42 -1.09
CA LEU G 123 -30.19 -10.47 -1.27
C LEU G 123 -29.81 -9.89 -2.63
N SER G 124 -28.87 -8.96 -2.62
CA SER G 124 -28.35 -8.37 -3.85
C SER G 124 -27.14 -9.18 -4.31
N LEU G 125 -27.11 -9.55 -5.58
CA LEU G 125 -26.10 -10.46 -6.10
C LEU G 125 -25.36 -9.82 -7.26
N LEU G 126 -24.06 -10.07 -7.31
CA LEU G 126 -23.22 -9.76 -8.45
C LEU G 126 -22.56 -11.06 -8.89
N ALA G 127 -22.83 -11.49 -10.11
CA ALA G 127 -22.39 -12.80 -10.59
C ALA G 127 -21.08 -12.65 -11.37
N TRP G 128 -20.02 -13.24 -10.83
CA TRP G 128 -18.78 -13.45 -11.58
C TRP G 128 -18.69 -14.93 -11.98
N HIS H 7 -18.41 -19.29 41.70
CA HIS H 7 -17.55 -19.03 42.84
C HIS H 7 -17.98 -17.75 43.57
N ALA H 8 -18.32 -16.71 42.83
CA ALA H 8 -18.90 -15.51 43.42
C ALA H 8 -19.73 -14.79 42.36
N ARG H 9 -20.85 -14.23 42.78
CA ARG H 9 -21.79 -13.55 41.90
C ARG H 9 -22.17 -12.22 42.50
N ALA H 10 -22.43 -11.25 41.63
CA ALA H 10 -22.97 -9.97 42.07
C ALA H 10 -23.76 -9.35 40.92
N THR H 11 -24.57 -8.35 41.27
CA THR H 11 -25.29 -7.58 40.28
C THR H 11 -25.03 -6.09 40.52
N GLY H 12 -25.20 -5.30 39.48
CA GLY H 12 -24.96 -3.88 39.60
C GLY H 12 -24.99 -3.22 38.24
N LYS H 13 -24.86 -1.90 38.28
CA LYS H 13 -24.78 -1.09 37.07
C LYS H 13 -23.40 -0.45 37.03
N THR H 14 -23.04 0.01 35.83
CA THR H 14 -21.83 0.79 35.68
C THR H 14 -22.05 2.19 36.27
N PHE H 15 -21.00 3.00 36.21
CA PHE H 15 -21.09 4.40 36.61
C PHE H 15 -20.06 5.19 35.81
N ARG H 16 -20.09 6.50 35.97
CA ARG H 16 -19.16 7.39 35.28
C ARG H 16 -18.07 7.80 36.25
N SER H 17 -16.82 7.45 35.93
CA SER H 17 -15.63 7.92 36.65
C SER H 17 -14.78 8.68 35.64
N GLY H 18 -14.66 9.98 35.83
CA GLY H 18 -14.10 10.82 34.79
C GLY H 18 -14.90 10.77 33.51
N ASN H 19 -16.20 10.54 33.62
CA ASN H 19 -17.12 10.38 32.50
C ASN H 19 -16.67 9.31 31.51
N SER H 20 -15.64 8.54 31.87
CA SER H 20 -15.48 7.20 31.32
C SER H 20 -16.33 6.25 32.14
N GLU H 21 -16.85 5.22 31.49
CA GLU H 21 -17.69 4.24 32.17
C GLU H 21 -16.81 3.31 32.99
N ALA H 22 -17.30 2.95 34.18
CA ALA H 22 -16.54 2.08 35.08
C ALA H 22 -17.50 1.15 35.80
N VAL H 23 -16.95 0.04 36.30
CA VAL H 23 -17.71 -0.93 37.08
C VAL H 23 -17.06 -1.05 38.45
N ARG H 24 -17.89 -1.00 39.50
CA ARG H 24 -17.42 -1.19 40.87
C ARG H 24 -17.27 -2.69 41.15
N LEU H 25 -16.15 -3.07 41.73
CA LEU H 25 -15.89 -4.47 42.03
C LEU H 25 -15.88 -4.70 43.52
N PRO H 26 -16.84 -5.43 44.08
CA PRO H 26 -16.81 -5.77 45.51
C PRO H 26 -15.59 -6.63 45.82
N ARG H 27 -15.33 -6.78 47.13
CA ARG H 27 -14.13 -7.48 47.58
C ARG H 27 -14.07 -8.90 47.02
N ASP H 28 -15.19 -9.63 47.05
CA ASP H 28 -15.20 -11.02 46.61
C ASP H 28 -15.17 -11.16 45.09
N LEU H 29 -15.12 -10.04 44.35
CA LEU H 29 -14.93 -10.03 42.91
C LEU H 29 -13.70 -9.25 42.45
N ALA H 30 -12.99 -8.62 43.38
CA ALA H 30 -11.92 -7.71 43.02
C ALA H 30 -10.65 -8.46 42.63
N PHE H 31 -9.76 -7.74 41.95
CA PHE H 31 -8.48 -8.29 41.51
C PHE H 31 -7.29 -7.84 42.34
N GLY H 32 -7.48 -6.90 43.26
CA GLY H 32 -6.37 -6.22 43.89
C GLY H 32 -5.86 -5.07 43.05
N ALA H 33 -5.16 -4.15 43.71
CA ALA H 33 -4.67 -2.95 43.03
C ALA H 33 -3.38 -3.24 42.27
N ASP H 34 -3.08 -2.36 41.32
CA ASP H 34 -1.85 -2.34 40.52
C ASP H 34 -1.69 -3.53 39.56
N VAL H 35 -2.62 -4.48 39.52
CA VAL H 35 -2.49 -5.65 38.64
C VAL H 35 -3.18 -5.36 37.31
N GLU H 36 -2.43 -5.51 36.22
CA GLU H 36 -2.92 -5.13 34.90
C GLU H 36 -3.82 -6.21 34.31
N LEU H 37 -4.91 -5.77 33.69
CA LEU H 37 -5.98 -6.65 33.25
C LEU H 37 -6.11 -6.63 31.73
N THR H 38 -6.63 -7.74 31.19
CA THR H 38 -7.09 -7.82 29.82
C THR H 38 -8.60 -7.80 29.81
N LEU H 39 -9.19 -7.02 28.91
CA LEU H 39 -10.63 -6.91 28.78
C LEU H 39 -11.01 -7.25 27.35
N ILE H 40 -12.02 -8.10 27.19
CA ILE H 40 -12.49 -8.49 25.87
C ILE H 40 -14.01 -8.52 25.89
N ARG H 41 -14.62 -7.81 24.95
CA ARG H 41 -16.06 -7.72 24.83
C ARG H 41 -16.46 -8.38 23.50
N SER H 42 -17.38 -9.35 23.55
CA SER H 42 -17.86 -10.02 22.33
C SER H 42 -19.38 -10.20 22.43
N GLY H 43 -20.14 -9.29 21.85
CA GLY H 43 -21.58 -9.46 21.95
C GLY H 43 -22.07 -9.10 23.34
N ASP H 44 -22.78 -10.01 24.01
CA ASP H 44 -23.31 -9.77 25.35
C ASP H 44 -22.27 -9.89 26.45
N VAL H 45 -21.09 -10.44 26.18
CA VAL H 45 -20.18 -10.85 27.23
C VAL H 45 -18.94 -9.97 27.25
N LEU H 46 -18.69 -9.38 28.42
CA LEU H 46 -17.41 -8.77 28.76
C LEU H 46 -16.65 -9.72 29.68
N THR H 47 -15.40 -10.00 29.34
CA THR H 47 -14.52 -10.80 30.18
C THR H 47 -13.33 -9.96 30.58
N ILE H 48 -12.90 -10.13 31.84
CA ILE H 48 -11.77 -9.37 32.38
C ILE H 48 -10.91 -10.34 33.18
N TYR H 49 -9.61 -10.32 32.92
CA TYR H 49 -8.70 -11.24 33.59
C TYR H 49 -7.32 -10.61 33.64
N PRO H 50 -6.47 -11.03 34.59
CA PRO H 50 -5.12 -10.46 34.65
C PRO H 50 -4.28 -10.95 33.49
N SER H 51 -3.54 -10.03 32.89
CA SER H 51 -2.65 -10.39 31.80
C SER H 51 -1.59 -11.36 32.31
N LYS H 52 -1.30 -12.37 31.51
CA LYS H 52 -0.26 -13.35 31.83
C LYS H 52 0.97 -12.95 31.03
N GLY H 53 1.89 -12.22 31.68
CA GLY H 53 3.05 -11.73 30.98
C GLY H 53 4.39 -12.16 31.53
N SER H 54 4.42 -13.16 32.41
CA SER H 54 5.68 -13.62 32.98
C SER H 54 6.32 -14.68 32.09
N ILE H 55 7.61 -14.94 32.31
CA ILE H 55 8.27 -15.99 31.53
C ILE H 55 7.65 -17.36 31.84
N ALA H 56 7.11 -17.54 33.03
CA ALA H 56 6.53 -18.83 33.38
C ALA H 56 5.23 -19.06 32.64
N ASP H 57 4.44 -18.00 32.43
CA ASP H 57 3.27 -18.12 31.59
C ASP H 57 3.65 -18.42 30.15
N LEU H 58 4.65 -17.72 29.63
CA LEU H 58 5.07 -17.99 28.26
C LEU H 58 5.49 -19.45 28.10
N VAL H 59 6.27 -19.97 29.05
CA VAL H 59 6.75 -21.33 28.94
C VAL H 59 5.60 -22.32 29.09
N ALA H 60 4.65 -22.05 29.99
CA ALA H 60 3.45 -22.87 30.09
C ALA H 60 2.73 -22.95 28.74
N THR H 61 2.55 -21.79 28.09
CA THR H 61 1.86 -21.77 26.80
C THR H 61 2.63 -22.55 25.76
N LEU H 62 3.94 -22.29 25.64
CA LEU H 62 4.77 -23.00 24.67
C LEU H 62 4.70 -24.50 24.88
N ASN H 63 4.69 -24.92 26.15
CA ASN H 63 4.70 -26.35 26.49
C ASN H 63 3.38 -27.04 26.16
N GLN H 64 2.28 -26.28 26.04
CA GLN H 64 1.01 -26.84 25.66
C GLN H 64 0.89 -27.04 24.16
N MET H 65 1.77 -26.40 23.38
CA MET H 65 1.77 -26.44 21.92
C MET H 65 2.71 -27.51 21.40
N PRO H 66 2.41 -28.12 20.26
CA PRO H 66 3.33 -29.08 19.67
C PRO H 66 4.74 -28.49 19.49
N ARG H 67 5.75 -29.30 19.78
CA ARG H 67 7.14 -28.93 19.51
C ARG H 67 7.45 -29.19 18.04
N PRO H 68 8.25 -28.33 17.40
CA PRO H 68 8.82 -28.71 16.10
C PRO H 68 9.71 -29.93 16.24
N ASP H 69 9.95 -30.59 15.11
CA ASP H 69 10.67 -31.86 15.12
C ASP H 69 12.15 -31.69 15.41
N SER H 70 12.65 -30.47 15.46
CA SER H 70 14.05 -30.22 15.73
C SER H 70 14.23 -28.77 16.13
N VAL H 71 15.34 -28.50 16.80
CA VAL H 71 15.79 -27.14 17.09
C VAL H 71 16.64 -26.67 15.92
N GLU H 72 16.26 -25.54 15.31
CA GLU H 72 17.02 -25.03 14.17
C GLU H 72 18.46 -24.67 14.55
N ILE H 73 19.35 -24.68 13.53
CA ILE H 73 20.71 -24.19 13.65
C ILE H 73 20.70 -22.69 13.36
N ARG H 74 21.59 -21.94 14.02
CA ARG H 74 21.46 -20.48 14.05
C ARG H 74 21.88 -19.79 12.75
N ASP H 75 22.62 -20.45 11.86
CA ASP H 75 23.08 -19.86 10.61
C ASP H 75 23.97 -18.64 10.84
N GLU H 76 24.54 -18.53 12.05
CA GLU H 76 25.39 -17.42 12.52
C GLU H 76 25.26 -16.11 11.75
N HIS I 5 -4.02 16.31 -42.48
CA HIS I 5 -2.87 15.47 -42.23
C HIS I 5 -3.01 14.77 -40.89
N HIS I 6 -4.25 14.68 -40.40
CA HIS I 6 -4.59 14.23 -39.05
C HIS I 6 -4.01 15.16 -37.97
N HIS I 7 -3.68 16.39 -38.36
CA HIS I 7 -3.16 17.42 -37.47
C HIS I 7 -3.84 18.72 -37.88
N ALA I 8 -4.89 19.10 -37.16
CA ALA I 8 -5.66 20.25 -37.59
C ALA I 8 -6.52 20.69 -36.43
N ARG I 9 -6.86 21.96 -36.44
CA ARG I 9 -7.80 22.56 -35.50
C ARG I 9 -8.91 23.21 -36.30
N ALA I 10 -10.09 23.28 -35.71
CA ALA I 10 -11.17 23.98 -36.39
C ALA I 10 -12.21 24.39 -35.35
N THR I 11 -13.12 25.26 -35.76
CA THR I 11 -14.31 25.49 -34.97
C THR I 11 -15.53 25.04 -35.76
N GLY I 12 -16.58 24.66 -35.03
CA GLY I 12 -17.85 24.26 -35.60
C GLY I 12 -18.91 24.30 -34.54
N LYS I 13 -20.17 24.17 -34.97
CA LYS I 13 -21.28 24.16 -34.04
C LYS I 13 -21.91 22.77 -34.02
N THR I 14 -22.46 22.42 -32.86
CA THR I 14 -23.33 21.28 -32.77
C THR I 14 -24.46 21.42 -33.78
N PHE I 15 -24.87 20.29 -34.34
CA PHE I 15 -26.07 20.31 -35.16
C PHE I 15 -26.86 19.03 -34.94
N ARG I 16 -28.09 19.02 -35.46
CA ARG I 16 -29.01 17.91 -35.28
C ARG I 16 -28.97 17.01 -36.50
N SER I 17 -28.90 15.70 -36.26
CA SER I 17 -29.13 14.72 -37.31
C SER I 17 -29.97 13.60 -36.72
N GLY I 18 -31.23 13.52 -37.15
CA GLY I 18 -32.14 12.55 -36.55
C GLY I 18 -32.51 12.97 -35.15
N ASN I 19 -32.41 12.05 -34.21
CA ASN I 19 -32.67 12.33 -32.79
C ASN I 19 -31.39 12.28 -31.97
N SER I 20 -30.27 12.71 -32.58
CA SER I 20 -29.00 12.81 -31.89
C SER I 20 -28.28 14.06 -32.38
N GLU I 21 -27.77 14.85 -31.44
CA GLU I 21 -26.81 15.88 -31.78
C GLU I 21 -25.61 15.24 -32.47
N ALA I 22 -25.05 15.91 -33.47
CA ALA I 22 -23.82 15.40 -34.08
C ALA I 22 -22.93 16.57 -34.48
N VAL I 23 -21.75 16.23 -34.98
CA VAL I 23 -20.65 17.17 -35.13
C VAL I 23 -19.93 16.83 -36.43
N ARG I 24 -19.80 17.80 -37.32
CA ARG I 24 -19.07 17.58 -38.57
C ARG I 24 -17.57 17.56 -38.30
N LEU I 25 -16.86 16.70 -39.03
CA LEU I 25 -15.41 16.60 -38.95
C LEU I 25 -14.84 16.91 -40.33
N PRO I 26 -14.64 18.17 -40.67
CA PRO I 26 -14.18 18.52 -42.01
C PRO I 26 -12.74 18.09 -42.25
N ARG I 27 -12.43 17.84 -43.53
CA ARG I 27 -11.06 17.73 -44.04
C ARG I 27 -10.11 16.88 -43.22
N ASP I 28 -9.13 17.51 -42.56
CA ASP I 28 -8.07 16.79 -41.87
C ASP I 28 -8.45 16.37 -40.46
N LEU I 29 -9.61 16.76 -39.96
CA LEU I 29 -10.05 16.27 -38.68
C LEU I 29 -10.77 14.93 -38.77
N ALA I 30 -11.19 14.55 -39.97
CA ALA I 30 -12.03 13.37 -40.15
C ALA I 30 -11.23 12.08 -39.97
N PHE I 31 -11.88 11.08 -39.38
CA PHE I 31 -11.38 9.72 -39.48
C PHE I 31 -11.96 9.08 -40.74
N GLY I 32 -11.38 7.97 -41.15
CA GLY I 32 -11.89 7.27 -42.31
C GLY I 32 -13.35 6.89 -42.17
N ALA I 33 -13.96 6.59 -43.33
CA ALA I 33 -15.37 6.23 -43.40
C ALA I 33 -15.77 5.16 -42.38
N ASP I 34 -15.15 3.99 -42.44
CA ASP I 34 -15.65 2.85 -41.66
C ASP I 34 -14.92 2.68 -40.34
N VAL I 35 -14.56 3.77 -39.67
CA VAL I 35 -13.80 3.75 -38.44
C VAL I 35 -14.78 3.76 -37.26
N GLU I 36 -14.69 2.73 -36.41
CA GLU I 36 -15.38 2.72 -35.14
C GLU I 36 -14.60 3.56 -34.13
N LEU I 37 -15.32 4.46 -33.48
CA LEU I 37 -14.73 5.42 -32.56
C LEU I 37 -15.20 5.17 -31.14
N THR I 38 -14.30 5.41 -30.21
CA THR I 38 -14.63 5.53 -28.80
C THR I 38 -14.76 7.00 -28.47
N LEU I 39 -15.84 7.35 -27.77
CA LEU I 39 -16.16 8.73 -27.44
C LEU I 39 -16.32 8.81 -25.93
N ILE I 40 -15.53 9.66 -25.29
CA ILE I 40 -15.47 9.74 -23.84
C ILE I 40 -15.50 11.21 -23.47
N ARG I 41 -16.58 11.62 -22.79
CA ARG I 41 -16.74 12.97 -22.29
C ARG I 41 -16.34 13.01 -20.83
N SER I 42 -15.43 13.92 -20.49
CA SER I 42 -15.11 14.22 -19.10
C SER I 42 -15.33 15.72 -18.90
N GLY I 43 -16.34 16.08 -18.10
CA GLY I 43 -16.71 17.47 -18.02
C GLY I 43 -17.38 17.90 -19.31
N ASP I 44 -16.88 18.96 -19.94
CA ASP I 44 -17.33 19.34 -21.27
C ASP I 44 -16.20 19.20 -22.29
N VAL I 45 -15.30 18.26 -22.05
CA VAL I 45 -14.25 17.90 -22.99
C VAL I 45 -14.53 16.50 -23.51
N LEU I 46 -14.58 16.37 -24.83
CA LEU I 46 -14.89 15.12 -25.49
C LEU I 46 -13.62 14.60 -26.13
N THR I 47 -13.21 13.38 -25.78
CA THR I 47 -12.04 12.73 -26.37
C THR I 47 -12.50 11.59 -27.26
N ILE I 48 -12.02 11.54 -28.51
CA ILE I 48 -12.51 10.63 -29.53
C ILE I 48 -11.32 9.98 -30.23
N TYR I 49 -11.29 8.65 -30.28
CA TYR I 49 -10.17 7.92 -30.88
C TYR I 49 -10.66 6.54 -31.34
N PRO I 50 -9.92 5.84 -32.23
CA PRO I 50 -10.39 4.53 -32.72
C PRO I 50 -10.47 3.47 -31.61
N SER I 51 -11.57 2.70 -31.62
CA SER I 51 -11.76 1.63 -30.64
C SER I 51 -10.92 0.44 -31.07
N LYS I 52 -9.94 0.09 -30.25
CA LYS I 52 -9.03 -1.02 -30.55
C LYS I 52 -8.86 -1.93 -29.35
N GLY I 53 -9.80 -1.89 -28.42
CA GLY I 53 -9.60 -2.63 -27.21
C GLY I 53 -9.53 -1.71 -26.02
N SER I 54 -10.03 -2.20 -24.91
CA SER I 54 -10.06 -1.48 -23.65
C SER I 54 -8.70 -1.50 -22.98
N ILE I 55 -8.55 -0.62 -22.00
CA ILE I 55 -7.34 -0.60 -21.19
C ILE I 55 -7.26 -1.86 -20.34
N ALA I 56 -8.39 -2.31 -19.78
CA ALA I 56 -8.40 -3.56 -19.04
C ALA I 56 -7.89 -4.71 -19.91
N ASP I 57 -8.26 -4.71 -21.19
CA ASP I 57 -7.90 -5.82 -22.06
C ASP I 57 -6.41 -5.79 -22.38
N LEU I 58 -5.87 -4.59 -22.66
CA LEU I 58 -4.44 -4.42 -22.86
C LEU I 58 -3.65 -4.95 -21.67
N VAL I 59 -4.08 -4.58 -20.46
CA VAL I 59 -3.33 -4.95 -19.27
C VAL I 59 -3.37 -6.45 -19.06
N ALA I 60 -4.53 -7.08 -19.33
CA ALA I 60 -4.65 -8.53 -19.14
C ALA I 60 -3.76 -9.27 -20.11
N THR I 61 -3.65 -8.79 -21.34
CA THR I 61 -2.71 -9.36 -22.29
C THR I 61 -1.27 -9.22 -21.80
N LEU I 62 -0.87 -7.99 -21.42
CA LEU I 62 0.49 -7.77 -20.91
C LEU I 62 0.80 -8.67 -19.71
N ASN I 63 -0.18 -8.86 -18.83
CA ASN I 63 0.07 -9.63 -17.62
C ASN I 63 0.23 -11.12 -17.94
N GLN I 64 -0.18 -11.54 -19.13
CA GLN I 64 -0.06 -12.94 -19.56
C GLN I 64 1.31 -13.26 -20.15
N MET I 65 2.10 -12.27 -20.46
CA MET I 65 3.40 -12.23 -21.11
C MET I 65 4.49 -12.08 -20.08
N PRO I 66 5.63 -12.75 -20.27
CA PRO I 66 6.76 -12.58 -19.35
C PRO I 66 7.11 -11.11 -19.22
N ARG I 67 7.41 -10.70 -18.01
CA ARG I 67 7.85 -9.31 -17.95
C ARG I 67 9.37 -9.23 -17.87
N PRO I 68 9.98 -8.12 -18.29
CA PRO I 68 11.44 -8.03 -18.22
C PRO I 68 11.92 -8.03 -16.78
N ASP I 69 13.21 -8.32 -16.62
CA ASP I 69 13.80 -8.47 -15.29
C ASP I 69 13.93 -7.15 -14.56
N SER I 70 13.76 -6.03 -15.26
CA SER I 70 13.94 -4.70 -14.69
C SER I 70 13.03 -3.73 -15.44
N VAL I 71 12.79 -2.58 -14.82
CA VAL I 71 11.69 -1.70 -15.22
C VAL I 71 12.20 -0.39 -15.83
N GLU I 72 13.33 -0.43 -16.53
CA GLU I 72 13.79 0.75 -17.27
C GLU I 72 14.08 0.41 -18.73
N ALA J 2 -9.83 12.83 -20.09
CA ALA J 2 -8.76 11.98 -20.60
C ALA J 2 -7.46 12.17 -19.83
N TYR J 3 -6.53 11.26 -20.07
CA TYR J 3 -5.24 11.21 -19.38
C TYR J 3 -4.12 11.05 -20.40
N VAL J 4 -3.10 11.91 -20.32
CA VAL J 4 -1.85 11.67 -21.02
C VAL J 4 -0.86 11.09 -20.02
N LEU J 5 -0.27 9.93 -20.35
CA LEU J 5 0.74 9.34 -19.49
C LEU J 5 2.09 10.02 -19.71
N ASP J 6 2.77 10.36 -18.62
CA ASP J 6 4.17 10.75 -18.77
C ASP J 6 4.99 9.53 -19.22
N THR J 7 6.11 9.81 -19.87
CA THR J 7 6.89 8.74 -20.48
C THR J 7 7.29 7.68 -19.46
N ASN J 8 7.67 8.08 -18.24
CA ASN J 8 8.09 7.11 -17.24
C ASN J 8 6.92 6.23 -16.79
N VAL J 9 5.70 6.78 -16.71
CA VAL J 9 4.54 5.94 -16.44
C VAL J 9 4.32 4.95 -17.58
N ALA J 10 4.55 5.40 -18.82
CA ALA J 10 4.39 4.52 -19.97
C ALA J 10 5.48 3.44 -19.98
N ILE J 11 6.73 3.79 -19.64
CA ILE J 11 7.78 2.78 -19.49
C ILE J 11 7.38 1.73 -18.45
N HIS J 12 6.81 2.16 -17.32
CA HIS J 12 6.43 1.19 -16.29
C HIS J 12 5.26 0.32 -16.73
N LEU J 13 4.35 0.89 -17.51
CA LEU J 13 3.34 0.08 -18.17
C LEU J 13 3.99 -0.96 -19.08
N ARG J 14 4.93 -0.52 -19.93
CA ARG J 14 5.55 -1.45 -20.88
C ARG J 14 6.20 -2.61 -20.15
N ASP J 15 6.89 -2.32 -19.05
CA ASP J 15 7.69 -3.36 -18.43
C ASP J 15 6.95 -4.09 -17.32
N GLY J 16 5.68 -3.76 -17.10
CA GLY J 16 4.83 -4.54 -16.23
C GLY J 16 4.87 -4.19 -14.76
N ASP J 17 5.04 -2.93 -14.42
CA ASP J 17 5.04 -2.54 -13.01
C ASP J 17 3.62 -2.65 -12.46
N PRO J 18 3.38 -3.51 -11.46
CA PRO J 18 2.01 -3.71 -10.99
C PRO J 18 1.38 -2.47 -10.40
N GLU J 19 2.17 -1.56 -9.84
CA GLU J 19 1.60 -0.30 -9.37
C GLU J 19 0.95 0.46 -10.51
N VAL J 20 1.59 0.46 -11.69
CA VAL J 20 1.05 1.17 -12.83
C VAL J 20 -0.02 0.36 -13.54
N THR J 21 0.19 -0.96 -13.69
CA THR J 21 -0.78 -1.77 -14.42
C THR J 21 -2.14 -1.78 -13.72
N THR J 22 -2.18 -1.93 -12.40
CA THR J 22 -3.48 -1.92 -11.75
C THR J 22 -4.07 -0.50 -11.75
N ARG J 23 -3.22 0.53 -11.59
CA ARG J 23 -3.75 1.88 -11.48
C ARG J 23 -4.25 2.41 -12.82
N VAL J 24 -3.53 2.11 -13.90
CA VAL J 24 -3.99 2.50 -15.23
C VAL J 24 -5.40 1.95 -15.46
N THR J 25 -5.67 0.75 -14.94
CA THR J 25 -7.03 0.21 -15.00
C THR J 25 -7.98 0.99 -14.10
N ALA J 26 -7.45 1.56 -13.00
CA ALA J 26 -8.29 2.27 -12.05
C ALA J 26 -8.85 3.57 -12.60
N LEU J 27 -8.34 4.05 -13.73
CA LEU J 27 -8.78 5.30 -14.32
C LEU J 27 -10.01 5.08 -15.18
N ASN J 28 -11.07 5.82 -14.89
CA ASN J 28 -12.28 5.83 -15.71
C ASN J 28 -12.19 7.03 -16.66
N GLY J 29 -11.49 6.83 -17.77
CA GLY J 29 -11.35 7.86 -18.78
C GLY J 29 -10.36 7.46 -19.86
N ALA J 30 -10.42 8.13 -21.01
CA ALA J 30 -9.52 7.84 -22.10
C ALA J 30 -8.07 7.96 -21.65
N ILE J 31 -7.24 6.99 -22.06
CA ILE J 31 -5.83 6.93 -21.73
C ILE J 31 -5.06 7.15 -23.03
N LEU J 32 -4.20 8.16 -23.06
CA LEU J 32 -3.54 8.54 -24.32
C LEU J 32 -2.04 8.49 -24.16
N LEU J 33 -1.35 8.14 -25.25
CA LEU J 33 0.11 8.03 -25.26
C LEU J 33 0.64 9.04 -26.26
N SER J 34 1.58 9.87 -25.80
CA SER J 34 2.21 10.87 -26.66
C SER J 34 3.17 10.21 -27.64
N ILE J 35 3.21 10.71 -28.87
CA ILE J 35 4.18 10.24 -29.84
C ILE J 35 5.60 10.46 -29.35
N ILE J 36 5.82 11.51 -28.56
CA ILE J 36 7.14 11.73 -27.98
C ILE J 36 7.48 10.56 -27.07
N SER J 37 6.52 10.12 -26.26
CA SER J 37 6.76 8.96 -25.41
C SER J 37 6.99 7.70 -26.25
N ARG J 38 6.28 7.57 -27.37
CA ARG J 38 6.55 6.42 -28.22
C ARG J 38 8.00 6.40 -28.69
N VAL J 39 8.54 7.57 -29.07
CA VAL J 39 9.96 7.63 -29.45
C VAL J 39 10.84 7.13 -28.31
N GLU J 40 10.58 7.59 -27.09
CA GLU J 40 11.40 7.15 -25.97
C GLU J 40 11.20 5.67 -25.69
N LEU J 41 9.98 5.16 -25.92
CA LEU J 41 9.69 3.75 -25.73
C LEU J 41 10.37 2.89 -26.79
N GLU J 42 10.36 3.34 -28.05
CA GLU J 42 11.03 2.58 -29.10
C GLU J 42 12.51 2.45 -28.80
N GLY J 43 13.12 3.52 -28.27
CA GLY J 43 14.54 3.47 -27.96
C GLY J 43 14.84 2.54 -26.80
N GLY J 44 14.03 2.59 -25.75
CA GLY J 44 14.28 1.77 -24.58
C GLY J 44 14.15 0.28 -24.85
N VAL J 45 13.40 -0.09 -25.89
CA VAL J 45 13.31 -1.48 -26.34
C VAL J 45 14.71 -2.04 -26.59
N TYR J 46 15.56 -1.27 -27.26
CA TYR J 46 16.85 -1.76 -27.73
C TYR J 46 18.01 -1.38 -26.83
N ARG J 47 17.77 -0.75 -25.67
CA ARG J 47 18.86 -0.39 -24.78
C ARG J 47 19.61 -1.63 -24.30
N GLU J 48 18.89 -2.56 -23.70
CA GLU J 48 19.50 -3.76 -23.10
C GLU J 48 19.10 -4.92 -23.99
N ALA J 49 20.02 -5.33 -24.86
CA ALA J 49 19.70 -6.33 -25.89
C ALA J 49 19.05 -7.58 -25.30
N ALA J 50 19.34 -7.90 -24.04
CA ALA J 50 18.83 -9.15 -23.45
C ALA J 50 17.32 -9.09 -23.27
N GLN J 51 16.78 -7.90 -23.04
CA GLN J 51 15.35 -7.71 -22.86
C GLN J 51 14.69 -7.18 -24.12
N ALA J 52 15.43 -7.08 -25.23
CA ALA J 52 14.93 -6.41 -26.43
C ALA J 52 13.72 -7.11 -27.02
N GLY J 53 13.81 -8.43 -27.20
CA GLY J 53 12.69 -9.14 -27.80
C GLY J 53 11.46 -9.11 -26.91
N LEU J 54 11.66 -9.18 -25.60
CA LEU J 54 10.53 -9.08 -24.67
C LEU J 54 9.93 -7.69 -24.72
N ARG J 55 10.78 -6.66 -24.70
CA ARG J 55 10.22 -5.30 -24.71
C ARG J 55 9.57 -4.96 -26.04
N ARG J 56 10.12 -5.48 -27.15
CA ARG J 56 9.51 -5.29 -28.45
C ARG J 56 8.08 -5.81 -28.45
N SER J 57 7.87 -7.02 -27.93
CA SER J 57 6.53 -7.58 -27.98
C SER J 57 5.58 -6.87 -27.04
N ARG J 58 6.08 -6.42 -25.88
CA ARG J 58 5.21 -5.74 -24.92
C ARG J 58 4.86 -4.33 -25.40
N LEU J 59 5.82 -3.64 -26.01
CA LEU J 59 5.49 -2.34 -26.57
C LEU J 59 4.55 -2.49 -27.78
N ASP J 60 4.77 -3.52 -28.61
CA ASP J 60 3.88 -3.78 -29.74
C ASP J 60 2.44 -3.95 -29.29
N VAL J 61 2.18 -4.78 -28.27
CA VAL J 61 0.78 -4.93 -27.84
C VAL J 61 0.22 -3.60 -27.34
N MET J 62 1.04 -2.78 -26.65
CA MET J 62 0.55 -1.45 -26.26
C MET J 62 0.13 -0.64 -27.47
N LEU J 63 0.97 -0.63 -28.51
CA LEU J 63 0.72 0.26 -29.64
C LEU J 63 -0.43 -0.23 -30.52
N LYS J 64 -0.79 -1.51 -30.41
CA LYS J 64 -2.01 -2.02 -31.07
C LYS J 64 -3.29 -1.51 -30.43
N VAL J 65 -3.21 -0.96 -29.22
CA VAL J 65 -4.38 -0.64 -28.40
C VAL J 65 -4.49 0.86 -28.12
N LEU J 66 -3.41 1.46 -27.66
CA LEU J 66 -3.44 2.81 -27.13
C LEU J 66 -3.50 3.82 -28.28
N PRO J 67 -4.30 4.88 -28.14
CA PRO J 67 -4.29 5.94 -29.16
C PRO J 67 -3.12 6.88 -28.93
N VAL J 68 -2.50 7.32 -30.02
CA VAL J 68 -1.27 8.09 -29.95
C VAL J 68 -1.56 9.53 -30.33
N LEU J 69 -1.07 10.46 -29.50
CA LEU J 69 -1.22 11.90 -29.66
C LEU J 69 0.02 12.43 -30.38
N ASP J 70 -0.15 12.86 -31.62
CA ASP J 70 0.99 13.42 -32.33
C ASP J 70 1.35 14.80 -31.75
N PHE J 71 2.56 15.29 -32.08
CA PHE J 71 3.02 16.61 -31.64
C PHE J 71 2.91 17.56 -32.80
N ASP J 72 1.95 18.45 -32.74
CA ASP J 72 1.61 19.28 -33.89
C ASP J 72 1.63 20.76 -33.53
N GLY J 73 1.15 21.61 -34.45
CA GLY J 73 1.17 23.04 -34.21
C GLY J 73 0.52 23.46 -32.90
N ALA J 74 -0.63 22.86 -32.56
CA ALA J 74 -1.30 23.25 -31.32
C ALA J 74 -0.47 22.91 -30.09
N ALA J 75 0.22 21.76 -30.10
CA ALA J 75 1.12 21.44 -28.99
C ALA J 75 2.29 22.41 -28.91
N ALA J 76 2.89 22.76 -30.05
CA ALA J 76 4.00 23.70 -30.04
C ALA J 76 3.56 25.09 -29.56
N ASP J 77 2.36 25.52 -29.95
CA ASP J 77 1.80 26.76 -29.42
C ASP J 77 1.75 26.73 -27.88
N GLU J 78 1.33 25.60 -27.30
CA GLU J 78 1.29 25.50 -25.84
C GLU J 78 2.71 25.51 -25.25
N TYR J 79 3.65 24.81 -25.89
CA TYR J 79 5.03 24.87 -25.42
C TYR J 79 5.57 26.29 -25.45
N ARG J 80 5.34 27.01 -26.56
CA ARG J 80 5.70 28.42 -26.62
C ARG J 80 5.17 29.18 -25.41
N ARG J 81 3.90 28.96 -25.06
CA ARG J 81 3.31 29.69 -23.92
C ARG J 81 4.02 29.33 -22.63
N ILE J 82 4.44 28.07 -22.51
CA ILE J 82 5.18 27.61 -21.35
C ILE J 82 6.49 28.39 -21.23
N VAL J 83 7.29 28.40 -22.29
CA VAL J 83 8.56 29.10 -22.25
C VAL J 83 8.36 30.59 -22.00
N GLU J 84 7.25 31.16 -22.48
CA GLU J 84 6.98 32.58 -22.25
C GLU J 84 6.45 32.83 -20.84
N SER J 85 5.64 31.93 -20.31
CA SER J 85 5.08 32.12 -18.99
C SER J 85 6.09 31.78 -17.90
N ALA J 86 6.86 30.71 -18.12
CA ALA J 86 8.09 30.46 -17.35
C ALA J 86 9.27 30.93 -18.18
N GLY J 87 10.34 30.15 -18.24
CA GLY J 87 11.45 30.45 -19.14
C GLY J 87 12.00 29.16 -19.72
N TYR J 88 12.99 29.30 -20.60
CA TYR J 88 13.55 28.15 -21.31
C TYR J 88 14.43 27.31 -20.40
N SER J 89 14.13 25.99 -20.31
CA SER J 89 14.93 25.02 -19.57
C SER J 89 15.42 23.95 -20.54
N ARG J 90 16.73 23.88 -20.76
CA ARG J 90 17.31 22.79 -21.54
C ARG J 90 16.85 21.44 -21.00
N ARG J 91 16.84 21.31 -19.68
CA ARG J 91 16.56 20.03 -19.04
C ARG J 91 15.13 19.56 -19.31
N LYS J 92 14.16 20.47 -19.25
CA LYS J 92 12.77 20.06 -19.21
C LYS J 92 12.06 20.22 -20.55
N VAL J 93 12.81 20.24 -21.66
CA VAL J 93 12.21 20.46 -22.97
C VAL J 93 11.27 19.30 -23.33
N VAL J 94 11.78 18.07 -23.26
CA VAL J 94 10.96 16.93 -23.67
C VAL J 94 9.76 16.79 -22.76
N ASP J 95 9.94 16.95 -21.45
CA ASP J 95 8.81 16.86 -20.54
C ASP J 95 7.75 17.91 -20.86
N ARG J 96 8.18 19.14 -21.14
CA ARG J 96 7.21 20.19 -21.41
C ARG J 96 6.46 19.96 -22.71
N MET J 97 7.14 19.38 -23.71
CA MET J 97 6.45 19.01 -24.94
C MET J 97 5.25 18.11 -24.65
N ILE J 98 5.44 17.11 -23.79
CA ILE J 98 4.32 16.20 -23.54
C ILE J 98 3.25 16.87 -22.70
N ALA J 99 3.65 17.69 -21.73
CA ALA J 99 2.69 18.46 -20.96
C ALA J 99 1.90 19.40 -21.88
N ALA J 100 2.59 20.02 -22.84
CA ALA J 100 1.91 20.91 -23.78
C ALA J 100 0.85 20.17 -24.59
N GLN J 101 1.05 18.88 -24.84
CA GLN J 101 0.02 18.11 -25.53
C GLN J 101 -1.18 17.89 -24.62
N ALA J 102 -0.93 17.59 -23.34
CA ALA J 102 -2.03 17.46 -22.40
C ALA J 102 -2.84 18.75 -22.34
N LEU J 103 -2.14 19.90 -22.38
CA LEU J 103 -2.81 21.19 -22.33
C LEU J 103 -3.65 21.42 -23.58
N ALA J 104 -3.09 21.14 -24.76
CA ALA J 104 -3.83 21.31 -25.99
C ALA J 104 -5.05 20.41 -26.02
N HIS J 105 -4.94 19.20 -25.47
CA HIS J 105 -6.09 18.29 -25.49
C HIS J 105 -6.86 18.27 -24.18
N ARG J 106 -6.61 19.23 -23.29
CA ARG J 106 -7.40 19.43 -22.07
C ARG J 106 -7.49 18.12 -21.28
N ALA J 107 -6.34 17.49 -21.12
CA ALA J 107 -6.23 16.14 -20.59
C ALA J 107 -5.39 16.20 -19.32
N THR J 108 -5.66 15.29 -18.37
CA THR J 108 -4.87 15.25 -17.15
C THR J 108 -3.57 14.52 -17.42
N PHE J 109 -2.49 15.06 -16.88
CA PHE J 109 -1.14 14.55 -17.12
C PHE J 109 -0.76 13.67 -15.94
N VAL J 110 -0.45 12.40 -16.21
CA VAL J 110 -0.15 11.41 -15.16
C VAL J 110 1.36 11.25 -15.08
N THR J 111 1.93 11.53 -13.91
CA THR J 111 3.38 11.54 -13.81
C THR J 111 3.83 11.12 -12.42
N PHE J 112 5.11 10.72 -12.33
CA PHE J 112 5.78 10.39 -11.08
C PHE J 112 6.46 11.60 -10.45
N ASN J 113 6.53 12.75 -11.17
CA ASN J 113 7.12 13.98 -10.61
C ASN J 113 6.24 15.16 -10.97
N ALA J 114 5.07 15.21 -10.33
CA ALA J 114 4.19 16.37 -10.48
C ALA J 114 4.85 17.67 -10.06
N ASP J 115 5.87 17.59 -9.18
CA ASP J 115 6.58 18.80 -8.77
C ASP J 115 7.37 19.42 -9.92
N ASP J 116 7.80 18.61 -10.89
CA ASP J 116 8.55 19.13 -12.03
C ASP J 116 7.66 19.80 -13.07
N PHE J 117 6.34 19.82 -12.87
CA PHE J 117 5.42 20.44 -13.80
C PHE J 117 4.53 21.48 -13.13
N ARG J 118 4.86 21.86 -11.89
CA ARG J 118 4.07 22.83 -11.15
C ARG J 118 4.16 24.23 -11.73
N ASP J 119 5.13 24.48 -12.60
CA ASP J 119 5.32 25.79 -13.22
C ASP J 119 4.50 25.98 -14.50
N ILE J 120 3.71 24.98 -14.91
CA ILE J 120 3.00 25.00 -16.19
C ILE J 120 1.58 25.44 -15.94
N PRO J 121 1.17 26.64 -16.36
CA PRO J 121 -0.17 27.14 -15.99
C PRO J 121 -1.29 26.39 -16.68
N GLY J 122 -2.33 26.07 -15.90
CA GLY J 122 -3.51 25.39 -16.41
C GLY J 122 -3.42 23.88 -16.52
N LEU J 123 -2.30 23.28 -16.14
CA LEU J 123 -2.08 21.85 -16.37
C LEU J 123 -2.72 21.02 -15.27
N SER J 124 -3.60 20.10 -15.65
CA SER J 124 -4.14 19.14 -14.70
C SER J 124 -3.09 18.08 -14.39
N LEU J 125 -2.87 17.83 -13.10
CA LEU J 125 -1.83 16.92 -12.65
C LEU J 125 -2.43 15.77 -11.85
N LEU J 126 -1.96 14.56 -12.14
CA LEU J 126 -2.24 13.38 -11.31
C LEU J 126 -0.90 12.80 -10.93
N ALA J 127 -0.53 12.92 -9.65
CA ALA J 127 0.77 12.45 -9.19
C ALA J 127 0.69 10.97 -8.83
N TRP J 128 1.60 10.17 -9.40
CA TRP J 128 1.70 8.76 -9.07
C TRP J 128 3.03 8.40 -8.41
N ALA K 2 12.35 18.46 -52.43
CA ALA K 2 12.14 18.94 -51.05
C ALA K 2 13.41 18.79 -50.22
N TYR K 3 13.63 19.74 -49.31
CA TYR K 3 14.74 19.72 -48.38
C TYR K 3 14.21 19.96 -46.96
N VAL K 4 14.96 19.48 -45.98
CA VAL K 4 14.63 19.69 -44.57
C VAL K 4 15.86 20.25 -43.89
N LEU K 5 15.70 21.39 -43.22
CA LEU K 5 16.83 22.07 -42.59
C LEU K 5 17.01 21.54 -41.17
N ASP K 6 18.22 21.09 -40.86
CA ASP K 6 18.54 20.80 -39.47
C ASP K 6 18.39 22.07 -38.65
N THR K 7 18.30 21.90 -37.33
CA THR K 7 18.04 23.04 -36.46
C THR K 7 19.09 24.13 -36.65
N ASN K 8 20.38 23.77 -36.63
CA ASN K 8 21.49 24.70 -36.87
C ASN K 8 21.25 25.63 -38.04
N VAL K 9 21.11 25.02 -39.22
CA VAL K 9 20.85 25.76 -40.46
C VAL K 9 19.69 26.73 -40.29
N ALA K 10 18.68 26.33 -39.50
CA ALA K 10 17.46 27.12 -39.34
C ALA K 10 17.69 28.36 -38.48
N ILE K 11 18.28 28.19 -37.29
CA ILE K 11 18.54 29.36 -36.47
C ILE K 11 19.67 30.19 -37.07
N HIS K 12 20.55 29.57 -37.88
CA HIS K 12 21.39 30.34 -38.81
C HIS K 12 20.53 31.28 -39.64
N LEU K 13 19.45 30.74 -40.21
CA LEU K 13 18.57 31.52 -41.07
C LEU K 13 17.81 32.56 -40.27
N ARG K 14 17.39 32.20 -39.05
CA ARG K 14 16.73 33.17 -38.17
C ARG K 14 17.58 34.41 -37.98
N ASP K 15 18.87 34.20 -37.73
CA ASP K 15 19.77 35.24 -37.25
C ASP K 15 20.63 35.84 -38.36
N GLY K 16 20.24 35.61 -39.62
CA GLY K 16 20.81 36.27 -40.76
C GLY K 16 22.26 36.00 -41.07
N ASP K 17 22.69 34.74 -41.00
CA ASP K 17 24.00 34.38 -41.49
C ASP K 17 24.05 34.55 -43.00
N PRO K 18 24.90 35.45 -43.52
CA PRO K 18 24.89 35.70 -44.98
C PRO K 18 25.20 34.47 -45.83
N GLU K 19 26.15 33.63 -45.40
CA GLU K 19 26.54 32.50 -46.23
C GLU K 19 25.41 31.47 -46.32
N VAL K 20 24.85 31.08 -45.18
CA VAL K 20 23.79 30.09 -45.21
C VAL K 20 22.52 30.66 -45.84
N THR K 21 22.23 31.94 -45.56
CA THR K 21 21.08 32.57 -46.22
C THR K 21 21.25 32.54 -47.72
N THR K 22 22.47 32.76 -48.22
CA THR K 22 22.74 32.59 -49.64
C THR K 22 22.61 31.12 -50.04
N ARG K 23 23.24 30.23 -49.27
CA ARG K 23 23.16 28.79 -49.57
C ARG K 23 21.71 28.35 -49.69
N VAL K 24 20.89 28.70 -48.70
CA VAL K 24 19.50 28.25 -48.69
C VAL K 24 18.77 28.75 -49.93
N THR K 25 19.10 29.95 -50.38
CA THR K 25 18.44 30.50 -51.56
C THR K 25 18.72 29.69 -52.81
N ALA K 26 19.82 28.92 -52.85
CA ALA K 26 20.19 28.17 -54.05
C ALA K 26 19.49 26.82 -54.17
N LEU K 27 18.70 26.40 -53.18
CA LEU K 27 18.00 25.12 -53.28
C LEU K 27 16.65 25.14 -53.95
N ASN K 28 16.41 24.33 -54.96
CA ASN K 28 15.08 24.32 -55.60
C ASN K 28 14.04 23.56 -54.73
N GLY K 29 12.87 23.22 -55.27
CA GLY K 29 11.87 22.52 -54.48
C GLY K 29 11.38 23.20 -53.20
N ALA K 30 11.34 22.48 -52.09
CA ALA K 30 10.84 23.07 -50.85
C ALA K 30 11.72 23.02 -49.67
N ILE K 31 11.68 24.05 -48.88
CA ILE K 31 12.48 24.05 -47.66
C ILE K 31 11.54 23.95 -46.45
N LEU K 32 11.85 23.01 -45.53
CA LEU K 32 10.95 22.62 -44.45
C LEU K 32 11.68 22.60 -43.11
N LEU K 33 10.89 22.65 -42.02
CA LEU K 33 11.40 22.58 -40.66
C LEU K 33 10.68 21.49 -39.90
N SER K 34 11.45 20.73 -39.12
CA SER K 34 10.84 19.81 -38.16
C SER K 34 10.18 20.59 -37.04
N ILE K 35 9.05 20.10 -36.55
CA ILE K 35 8.43 20.78 -35.41
C ILE K 35 9.32 20.67 -34.18
N ILE K 36 10.18 19.66 -34.15
CA ILE K 36 11.18 19.59 -33.08
C ILE K 36 12.14 20.76 -33.20
N SER K 37 12.56 21.09 -34.43
CA SER K 37 13.33 22.30 -34.66
C SER K 37 12.58 23.53 -34.16
N ARG K 38 11.24 23.55 -34.34
CA ARG K 38 10.47 24.72 -33.91
C ARG K 38 10.46 24.87 -32.40
N VAL K 39 10.24 23.76 -31.67
CA VAL K 39 10.24 23.81 -30.20
C VAL K 39 11.56 24.37 -29.69
N GLU K 40 12.67 24.01 -30.33
CA GLU K 40 13.97 24.52 -29.94
C GLU K 40 14.08 26.02 -30.22
N LEU K 41 13.72 26.42 -31.45
CA LEU K 41 13.71 27.84 -31.83
C LEU K 41 12.88 28.68 -30.87
N GLU K 42 11.68 28.21 -30.50
CA GLU K 42 10.85 28.93 -29.54
C GLU K 42 11.62 29.23 -28.26
N GLY K 43 12.43 28.28 -27.80
CA GLY K 43 13.23 28.53 -26.60
C GLY K 43 14.29 29.60 -26.81
N GLY K 44 14.97 29.55 -27.94
CA GLY K 44 16.02 30.51 -28.28
C GLY K 44 15.54 31.95 -28.42
N VAL K 45 14.23 32.17 -28.57
CA VAL K 45 13.72 33.54 -28.74
C VAL K 45 14.14 34.43 -27.58
N TYR K 46 14.02 33.93 -26.35
CA TYR K 46 14.37 34.68 -25.16
C TYR K 46 15.54 33.91 -24.52
N ARG K 47 16.70 34.24 -24.97
CA ARG K 47 17.95 33.97 -24.27
C ARG K 47 18.67 35.28 -24.09
N GLU K 48 18.59 36.17 -25.07
CA GLU K 48 18.99 37.56 -24.92
C GLU K 48 17.71 38.38 -24.93
N ALA K 49 17.26 38.79 -23.74
CA ALA K 49 16.02 39.54 -23.64
C ALA K 49 16.03 40.80 -24.48
N ALA K 50 17.19 41.43 -24.65
CA ALA K 50 17.26 42.64 -25.45
C ALA K 50 17.07 42.36 -26.94
N GLN K 51 17.21 41.11 -27.36
CA GLN K 51 16.85 40.71 -28.72
C GLN K 51 15.53 39.97 -28.76
N ALA K 52 14.88 39.77 -27.62
CA ALA K 52 13.46 39.50 -27.63
C ALA K 52 12.75 40.67 -28.29
N GLY K 53 11.63 40.37 -28.94
CA GLY K 53 11.07 41.29 -29.88
C GLY K 53 11.63 41.00 -31.26
N LEU K 54 12.95 41.05 -31.38
CA LEU K 54 13.57 40.91 -32.70
C LEU K 54 13.69 39.45 -33.13
N ARG K 55 14.06 38.54 -32.23
CA ARG K 55 14.06 37.13 -32.57
C ARG K 55 12.63 36.60 -32.67
N ARG K 56 11.72 37.08 -31.82
CA ARG K 56 10.31 36.70 -31.95
C ARG K 56 9.74 37.16 -33.30
N SER K 57 10.05 38.39 -33.69
CA SER K 57 9.59 38.85 -35.00
C SER K 57 10.20 38.03 -36.12
N ARG K 58 11.51 37.76 -36.04
CA ARG K 58 12.19 37.00 -37.09
C ARG K 58 11.71 35.57 -37.13
N LEU K 59 11.51 34.95 -35.96
CA LEU K 59 10.98 33.60 -35.92
C LEU K 59 9.58 33.55 -36.53
N ASP K 60 8.77 34.59 -36.29
CA ASP K 60 7.41 34.59 -36.82
C ASP K 60 7.39 34.69 -38.33
N VAL K 61 8.29 35.50 -38.92
CA VAL K 61 8.28 35.54 -40.38
C VAL K 61 8.75 34.21 -40.95
N MET K 62 9.75 33.59 -40.31
CA MET K 62 10.17 32.26 -40.77
C MET K 62 9.03 31.26 -40.71
N LEU K 63 8.32 31.22 -39.57
CA LEU K 63 7.21 30.27 -39.41
C LEU K 63 6.06 30.56 -40.35
N LYS K 64 5.99 31.79 -40.89
CA LYS K 64 4.97 32.10 -41.90
C LYS K 64 5.30 31.49 -43.25
N VAL K 65 6.58 31.26 -43.55
CA VAL K 65 6.98 30.80 -44.88
C VAL K 65 7.39 29.34 -44.89
N LEU K 66 8.13 28.87 -43.89
CA LEU K 66 8.63 27.50 -43.93
C LEU K 66 7.61 26.55 -43.33
N PRO K 67 7.08 25.60 -44.09
CA PRO K 67 6.20 24.58 -43.50
C PRO K 67 6.89 23.82 -42.37
N VAL K 68 6.13 23.57 -41.31
CA VAL K 68 6.64 22.84 -40.15
C VAL K 68 6.03 21.45 -40.14
N LEU K 69 6.87 20.42 -40.11
CA LEU K 69 6.40 19.04 -40.18
C LEU K 69 6.03 18.56 -38.78
N ASP K 70 4.76 18.21 -38.59
CA ASP K 70 4.30 17.66 -37.32
C ASP K 70 4.92 16.29 -37.09
N PHE K 71 5.20 15.96 -35.84
CA PHE K 71 5.83 14.68 -35.52
C PHE K 71 4.75 13.63 -35.32
N ASP K 72 4.77 12.61 -36.17
CA ASP K 72 3.63 11.70 -36.27
C ASP K 72 4.05 10.24 -36.27
N GLY K 73 3.11 9.34 -36.55
CA GLY K 73 3.41 7.91 -36.53
C GLY K 73 4.43 7.52 -37.58
N ALA K 74 4.30 8.09 -38.79
CA ALA K 74 5.29 7.82 -39.83
C ALA K 74 6.69 8.23 -39.37
N ALA K 75 6.80 9.35 -38.64
CA ALA K 75 8.12 9.76 -38.16
C ALA K 75 8.65 8.82 -37.09
N ALA K 76 7.77 8.40 -36.18
CA ALA K 76 8.22 7.48 -35.12
C ALA K 76 8.63 6.13 -35.70
N ASP K 77 7.97 5.66 -36.76
CA ASP K 77 8.39 4.44 -37.43
C ASP K 77 9.83 4.55 -37.89
N GLU K 78 10.18 5.71 -38.44
CA GLU K 78 11.55 5.99 -38.88
C GLU K 78 12.51 5.97 -37.71
N TYR K 79 12.15 6.62 -36.59
CA TYR K 79 13.00 6.59 -35.43
C TYR K 79 13.22 5.13 -34.96
N ARG K 80 12.15 4.34 -34.95
CA ARG K 80 12.31 2.91 -34.62
C ARG K 80 13.32 2.23 -35.56
N ARG K 81 13.11 2.38 -36.86
CA ARG K 81 13.99 1.78 -37.84
C ARG K 81 15.45 2.19 -37.60
N ILE K 82 15.65 3.39 -37.03
CA ILE K 82 16.98 3.91 -36.78
C ILE K 82 17.62 3.25 -35.57
N VAL K 83 16.92 3.23 -34.44
CA VAL K 83 17.52 2.64 -33.24
C VAL K 83 17.64 1.13 -33.38
N GLU K 84 16.77 0.50 -34.19
CA GLU K 84 16.79 -0.94 -34.31
C GLU K 84 18.07 -1.42 -34.99
N SER K 85 18.48 -0.76 -36.06
CA SER K 85 19.69 -1.14 -36.77
C SER K 85 20.92 -0.43 -36.20
N ALA K 86 20.87 0.89 -36.12
CA ALA K 86 22.06 1.64 -35.73
C ALA K 86 22.30 1.65 -34.23
N GLY K 87 21.40 1.07 -33.44
CA GLY K 87 21.54 1.03 -32.00
C GLY K 87 21.02 2.28 -31.30
N TYR K 88 20.63 2.13 -30.04
CA TYR K 88 20.19 3.28 -29.25
C TYR K 88 21.35 4.26 -29.08
N SER K 89 21.00 5.52 -28.85
CA SER K 89 21.99 6.48 -28.38
C SER K 89 21.30 7.68 -27.77
N ARG K 90 21.48 7.85 -26.47
CA ARG K 90 20.82 8.94 -25.78
C ARG K 90 21.19 10.31 -26.34
N ARG K 91 22.44 10.49 -26.77
CA ARG K 91 22.86 11.77 -27.31
C ARG K 91 22.05 12.14 -28.55
N LYS K 92 21.88 11.20 -29.48
CA LYS K 92 21.33 11.50 -30.79
C LYS K 92 19.81 11.33 -30.87
N VAL K 93 19.11 11.38 -29.74
CA VAL K 93 17.66 11.16 -29.76
C VAL K 93 16.98 12.28 -30.54
N VAL K 94 17.06 13.50 -30.03
CA VAL K 94 16.40 14.63 -30.68
C VAL K 94 16.83 14.74 -32.14
N ASP K 95 18.12 14.53 -32.42
CA ASP K 95 18.59 14.66 -33.78
C ASP K 95 18.04 13.57 -34.69
N ARG K 96 17.88 12.35 -34.16
CA ARG K 96 17.29 11.29 -34.98
C ARG K 96 15.80 11.51 -35.16
N MET K 97 15.14 12.18 -34.21
CA MET K 97 13.76 12.61 -34.43
C MET K 97 13.66 13.54 -35.64
N ILE K 98 14.54 14.53 -35.71
CA ILE K 98 14.51 15.47 -36.83
C ILE K 98 14.82 14.74 -38.14
N ALA K 99 15.86 13.91 -38.14
CA ALA K 99 16.21 13.17 -39.36
C ALA K 99 15.12 12.20 -39.76
N ALA K 100 14.40 11.65 -38.77
CA ALA K 100 13.28 10.76 -39.07
C ALA K 100 12.24 11.47 -39.92
N GLN K 101 11.98 12.74 -39.62
CA GLN K 101 11.01 13.51 -40.40
C GLN K 101 11.46 13.68 -41.84
N ALA K 102 12.76 13.90 -42.06
CA ALA K 102 13.29 13.97 -43.44
C ALA K 102 12.96 12.72 -44.25
N LEU K 103 13.12 11.55 -43.64
CA LEU K 103 12.89 10.29 -44.35
C LEU K 103 11.42 10.11 -44.72
N ALA K 104 10.52 10.47 -43.81
CA ALA K 104 9.10 10.22 -44.04
C ALA K 104 8.51 11.15 -45.08
N HIS K 105 9.19 12.25 -45.41
CA HIS K 105 8.74 13.14 -46.46
C HIS K 105 9.61 13.00 -47.72
N ARG K 106 10.45 11.97 -47.78
CA ARG K 106 11.31 11.69 -48.93
C ARG K 106 12.07 12.94 -49.37
N ALA K 107 12.63 13.63 -48.39
CA ALA K 107 13.26 14.92 -48.59
C ALA K 107 14.71 14.85 -48.14
N THR K 108 15.55 15.64 -48.78
CA THR K 108 16.96 15.67 -48.46
C THR K 108 17.18 16.46 -47.18
N PHE K 109 17.89 15.86 -46.23
CA PHE K 109 18.19 16.54 -44.97
C PHE K 109 19.35 17.49 -45.19
N VAL K 110 19.21 18.71 -44.68
CA VAL K 110 20.24 19.75 -44.85
C VAL K 110 20.94 19.93 -43.51
N THR K 111 22.20 19.52 -43.43
CA THR K 111 22.89 19.57 -42.15
C THR K 111 24.36 19.92 -42.37
N PHE K 112 24.92 20.60 -41.37
CA PHE K 112 26.34 20.93 -41.26
C PHE K 112 27.08 19.91 -40.41
N ASN K 113 26.49 19.59 -39.26
CA ASN K 113 27.11 18.86 -38.16
C ASN K 113 26.67 17.41 -38.17
N ALA K 114 26.79 16.88 -39.40
CA ALA K 114 26.33 15.60 -39.88
C ALA K 114 27.11 14.43 -39.29
N ASP K 115 28.11 14.68 -38.44
CA ASP K 115 28.87 13.60 -37.83
C ASP K 115 28.00 12.73 -36.93
N ASP K 116 26.69 12.74 -37.17
CA ASP K 116 25.79 11.85 -36.45
C ASP K 116 24.74 11.22 -37.35
N PHE K 117 24.96 11.17 -38.68
CA PHE K 117 23.84 10.83 -39.55
C PHE K 117 24.14 9.88 -40.70
N ARG K 118 25.39 9.53 -40.99
CA ARG K 118 25.68 8.64 -42.12
C ARG K 118 25.18 7.22 -41.89
N ASP K 119 24.68 6.90 -40.70
CA ASP K 119 24.26 5.55 -40.35
C ASP K 119 22.77 5.31 -40.53
N ILE K 120 22.06 6.20 -41.22
CA ILE K 120 20.63 6.07 -41.42
C ILE K 120 20.39 5.51 -42.83
N PRO K 121 19.92 4.28 -42.98
CA PRO K 121 19.70 3.72 -44.32
C PRO K 121 18.59 4.46 -45.05
N GLY K 122 18.94 5.00 -46.22
CA GLY K 122 17.99 5.65 -47.10
C GLY K 122 17.87 7.16 -46.92
N LEU K 123 18.67 7.75 -46.04
CA LEU K 123 18.57 9.19 -45.78
C LEU K 123 19.24 9.94 -46.90
N SER K 124 18.45 10.69 -47.67
CA SER K 124 19.00 11.61 -48.64
C SER K 124 19.59 12.80 -47.89
N LEU K 125 20.90 13.00 -47.99
CA LEU K 125 21.56 14.04 -47.24
C LEU K 125 22.27 14.98 -48.20
N LEU K 126 22.19 16.26 -47.92
CA LEU K 126 23.02 17.28 -48.54
C LEU K 126 24.03 17.65 -47.45
N ALA K 127 25.29 17.29 -47.67
CA ALA K 127 26.32 17.47 -46.66
C ALA K 127 26.94 18.85 -46.83
N TRP K 128 26.58 19.77 -45.95
CA TRP K 128 27.19 21.10 -45.95
C TRP K 128 28.36 21.18 -44.97
N HIS L 7 -18.64 12.59 -16.52
CA HIS L 7 -17.98 11.49 -17.21
C HIS L 7 -18.99 10.52 -17.81
N ALA L 8 -18.87 10.26 -19.10
CA ALA L 8 -19.76 9.34 -19.81
C ALA L 8 -19.07 8.92 -21.10
N ARG L 9 -19.49 7.79 -21.64
CA ARG L 9 -18.83 7.26 -22.83
C ARG L 9 -19.82 6.59 -23.76
N ALA L 10 -19.39 6.46 -25.01
CA ALA L 10 -20.15 5.84 -26.07
C ALA L 10 -19.18 5.41 -27.15
N THR L 11 -19.65 4.56 -28.05
CA THR L 11 -18.89 4.17 -29.22
C THR L 11 -19.81 4.30 -30.43
N GLY L 12 -19.22 4.62 -31.57
CA GLY L 12 -20.02 4.81 -32.76
C GLY L 12 -19.15 4.95 -33.98
N LYS L 13 -19.78 4.74 -35.13
CA LYS L 13 -19.10 4.85 -36.41
C LYS L 13 -19.33 6.23 -37.01
N THR L 14 -18.34 6.67 -37.78
CA THR L 14 -18.47 7.92 -38.53
C THR L 14 -19.48 7.76 -39.66
N PHE L 15 -20.23 8.83 -39.94
CA PHE L 15 -21.16 8.83 -41.06
C PHE L 15 -21.02 10.10 -41.89
N ARG L 16 -21.87 10.27 -42.89
CA ARG L 16 -21.82 11.42 -43.79
C ARG L 16 -23.07 12.27 -43.59
N SER L 17 -22.87 13.53 -43.22
CA SER L 17 -23.93 14.53 -43.12
C SER L 17 -23.53 15.72 -43.97
N GLY L 18 -24.31 16.00 -45.01
CA GLY L 18 -23.84 16.95 -45.99
C GLY L 18 -22.64 16.39 -46.74
N ASN L 19 -21.70 17.28 -47.07
CA ASN L 19 -20.50 16.85 -47.78
C ASN L 19 -19.35 16.48 -46.84
N SER L 20 -19.45 16.83 -45.57
CA SER L 20 -18.39 16.53 -44.61
C SER L 20 -18.75 15.33 -43.77
N GLU L 21 -17.72 14.65 -43.27
CA GLU L 21 -17.93 13.56 -42.33
C GLU L 21 -18.47 14.11 -41.01
N ALA L 22 -19.10 13.22 -40.25
CA ALA L 22 -19.67 13.60 -38.96
C ALA L 22 -19.61 12.42 -38.03
N VAL L 23 -19.86 12.67 -36.75
CA VAL L 23 -19.98 11.61 -35.76
C VAL L 23 -21.15 11.94 -34.86
N ARG L 24 -22.01 10.95 -34.65
CA ARG L 24 -23.17 11.15 -33.82
C ARG L 24 -22.75 11.31 -32.36
N LEU L 25 -23.42 12.22 -31.66
CA LEU L 25 -23.18 12.49 -30.26
C LEU L 25 -24.42 12.09 -29.48
N PRO L 26 -24.37 11.09 -28.60
CA PRO L 26 -25.56 10.69 -27.85
C PRO L 26 -25.83 11.63 -26.68
N ARG L 27 -27.06 11.53 -26.16
CA ARG L 27 -27.55 12.49 -25.18
C ARG L 27 -26.59 12.65 -24.01
N ASP L 28 -26.04 11.55 -23.51
CA ASP L 28 -25.05 11.63 -22.42
C ASP L 28 -23.80 12.41 -22.82
N LEU L 29 -23.58 12.65 -24.13
CA LEU L 29 -22.37 13.32 -24.57
C LEU L 29 -22.61 14.67 -25.23
N ALA L 30 -23.84 14.95 -25.67
CA ALA L 30 -24.13 16.16 -26.43
C ALA L 30 -23.74 17.42 -25.65
N PHE L 31 -23.63 18.53 -26.40
CA PHE L 31 -23.21 19.81 -25.83
C PHE L 31 -24.33 20.83 -25.73
N GLY L 32 -25.41 20.65 -26.49
CA GLY L 32 -26.49 21.61 -26.55
C GLY L 32 -26.55 22.28 -27.91
N ALA L 33 -27.66 22.99 -28.12
CA ALA L 33 -27.91 23.62 -29.41
C ALA L 33 -27.00 24.82 -29.63
N ASP L 34 -26.57 25.00 -30.89
CA ASP L 34 -25.93 26.25 -31.32
C ASP L 34 -24.70 26.58 -30.49
N VAL L 35 -24.03 25.57 -29.97
CA VAL L 35 -22.87 25.79 -29.12
C VAL L 35 -21.63 25.75 -30.01
N GLU L 36 -20.82 26.79 -29.92
CA GLU L 36 -19.59 26.83 -30.69
C GLU L 36 -18.59 25.86 -30.10
N LEU L 37 -17.93 25.09 -30.95
CA LEU L 37 -17.01 24.05 -30.51
C LEU L 37 -15.62 24.28 -31.10
N THR L 38 -14.60 23.95 -30.31
CA THR L 38 -13.22 23.88 -30.77
C THR L 38 -12.86 22.41 -30.92
N LEU L 39 -12.36 22.05 -32.10
CA LEU L 39 -11.94 20.68 -32.41
C LEU L 39 -10.45 20.67 -32.69
N ILE L 40 -9.75 19.71 -32.10
CA ILE L 40 -8.31 19.57 -32.32
C ILE L 40 -8.03 18.09 -32.59
N ARG L 41 -7.56 17.80 -33.79
CA ARG L 41 -7.17 16.45 -34.18
C ARG L 41 -5.65 16.36 -34.15
N SER L 42 -5.11 15.36 -33.45
CA SER L 42 -3.65 15.23 -33.34
C SER L 42 -3.28 13.74 -33.39
N GLY L 43 -3.03 13.22 -34.58
CA GLY L 43 -2.79 11.77 -34.67
C GLY L 43 -4.09 11.00 -34.51
N ASP L 44 -4.11 10.00 -33.62
CA ASP L 44 -5.29 9.18 -33.43
C ASP L 44 -6.41 9.88 -32.67
N VAL L 45 -6.13 11.02 -32.03
CA VAL L 45 -7.01 11.61 -31.03
C VAL L 45 -7.68 12.86 -31.59
N LEU L 46 -9.00 12.93 -31.46
CA LEU L 46 -9.76 14.17 -31.66
C LEU L 46 -10.25 14.66 -30.31
N THR L 47 -10.05 15.94 -30.02
CA THR L 47 -10.61 16.54 -28.81
C THR L 47 -11.58 17.62 -29.22
N ILE L 48 -12.76 17.64 -28.58
CA ILE L 48 -13.82 18.62 -28.85
C ILE L 48 -14.22 19.27 -27.53
N TYR L 49 -14.34 20.60 -27.54
CA TYR L 49 -14.78 21.30 -26.34
C TYR L 49 -15.36 22.65 -26.73
N PRO L 50 -16.26 23.19 -25.93
CA PRO L 50 -16.78 24.54 -26.23
C PRO L 50 -15.68 25.57 -26.10
N SER L 51 -15.61 26.46 -27.08
CA SER L 51 -14.62 27.52 -27.07
C SER L 51 -14.79 28.38 -25.81
N LYS L 52 -13.67 28.92 -25.32
CA LYS L 52 -13.67 29.76 -24.11
C LYS L 52 -14.69 30.87 -24.19
N GLY L 53 -15.86 30.66 -23.57
CA GLY L 53 -16.93 31.64 -23.62
C GLY L 53 -16.72 32.83 -22.70
N SER L 54 -16.84 32.62 -21.40
CA SER L 54 -17.01 33.71 -20.44
C SER L 54 -15.73 34.53 -20.29
N ILE L 55 -15.90 35.75 -19.76
CA ILE L 55 -14.75 36.54 -19.33
C ILE L 55 -14.07 35.92 -18.10
N ALA L 56 -14.82 35.16 -17.29
CA ALA L 56 -14.21 34.44 -16.18
C ALA L 56 -13.22 33.37 -16.66
N ASP L 57 -13.50 32.75 -17.81
CA ASP L 57 -12.56 31.79 -18.38
C ASP L 57 -11.23 32.45 -18.66
N LEU L 58 -11.28 33.62 -19.29
CA LEU L 58 -10.07 34.40 -19.50
C LEU L 58 -9.45 34.77 -18.17
N VAL L 59 -10.27 35.18 -17.21
CA VAL L 59 -9.78 35.50 -15.88
C VAL L 59 -9.13 34.26 -15.26
N ALA L 60 -9.84 33.14 -15.26
CA ALA L 60 -9.30 31.91 -14.68
C ALA L 60 -7.98 31.52 -15.36
N THR L 61 -7.94 31.56 -16.69
CA THR L 61 -6.69 31.32 -17.40
C THR L 61 -5.63 32.33 -17.00
N LEU L 62 -5.98 33.63 -17.00
CA LEU L 62 -5.06 34.63 -16.47
C LEU L 62 -4.76 34.37 -15.00
N ASN L 63 -5.78 34.06 -14.20
CA ASN L 63 -5.57 33.84 -12.77
C ASN L 63 -4.69 32.63 -12.47
N GLN L 64 -4.51 31.70 -13.40
CA GLN L 64 -3.55 30.61 -13.19
C GLN L 64 -2.22 30.85 -13.90
N MET L 65 -2.10 31.92 -14.67
CA MET L 65 -0.84 32.39 -15.22
C MET L 65 -0.16 33.31 -14.21
N PRO L 66 1.19 33.41 -14.27
CA PRO L 66 1.94 34.16 -13.24
C PRO L 66 1.33 35.47 -12.78
N ARG L 67 1.38 36.55 -13.62
CA ARG L 67 1.05 37.96 -13.38
C ARG L 67 2.32 38.79 -13.33
N PRO L 68 2.35 39.94 -13.99
CA PRO L 68 3.62 40.61 -14.29
C PRO L 68 4.18 41.37 -13.10
N ASP L 69 5.32 42.02 -13.34
CA ASP L 69 6.18 42.60 -12.32
C ASP L 69 5.81 44.04 -11.95
N SER L 70 5.41 44.86 -12.93
CA SER L 70 5.24 46.31 -12.72
C SER L 70 3.97 46.81 -13.39
N VAL L 71 2.85 46.12 -13.15
CA VAL L 71 1.48 46.46 -13.55
C VAL L 71 1.36 47.44 -14.71
N GLU L 72 0.55 48.48 -14.56
CA GLU L 72 -0.22 49.01 -15.69
C GLU L 72 -0.29 50.54 -15.76
N ILE L 73 0.64 51.15 -16.49
CA ILE L 73 0.72 52.60 -16.60
C ILE L 73 0.38 52.99 -18.05
N ARG L 74 -0.87 53.42 -18.27
CA ARG L 74 -1.31 53.83 -19.59
C ARG L 74 -0.70 55.19 -19.96
N ASP L 75 -0.09 55.26 -21.15
CA ASP L 75 0.62 56.46 -21.57
C ASP L 75 -0.33 57.56 -22.06
N GLU L 76 -1.39 57.16 -22.74
CA GLU L 76 -2.19 58.05 -23.55
C GLU L 76 -3.41 58.60 -22.79
C1 MLI M . 18.80 17.02 5.46
C2 MLI M . 18.51 15.62 4.94
C3 MLI M . 17.92 18.02 4.71
O6 MLI M . 17.82 15.49 3.90
O7 MLI M . 18.96 14.61 5.52
O8 MLI M . 18.28 18.43 3.57
O9 MLI M . 16.85 18.41 5.24
C1 GOL N . 17.26 8.12 18.60
O1 GOL N . 17.66 6.76 18.79
C2 GOL N . 18.07 8.72 17.45
O2 GOL N . 18.62 9.94 17.88
C3 GOL N . 19.22 7.78 17.16
O3 GOL N . 19.11 7.18 15.91
C1 MLI O . 17.02 -19.23 12.32
C2 MLI O . 16.18 -18.63 13.45
C3 MLI O . 18.49 -18.78 12.30
O6 MLI O . 16.63 -17.78 14.27
O7 MLI O . 14.99 -18.98 13.56
O8 MLI O . 19.21 -19.20 11.36
O9 MLI O . 18.96 -18.01 13.17
C1 MLI P . -9.18 -22.75 1.65
C2 MLI P . -10.57 -23.34 1.97
C3 MLI P . -9.12 -21.23 1.89
O6 MLI P . -11.57 -22.63 2.24
O7 MLI P . -10.70 -24.61 1.99
O8 MLI P . -8.02 -20.64 1.91
O9 MLI P . -10.18 -20.53 2.02
C1 GOL Q . -1.66 8.21 -37.07
O1 GOL Q . -2.72 9.08 -37.43
C2 GOL Q . -0.77 8.98 -36.12
O2 GOL Q . 0.37 9.48 -36.79
C3 GOL Q . -0.42 8.16 -34.88
O3 GOL Q . 0.80 8.59 -34.34
#